data_3WN5
#
_entry.id   3WN5
#
_cell.length_a   75.030
_cell.length_b   72.490
_cell.length_c   163.480
_cell.angle_alpha   90.00
_cell.angle_beta   91.15
_cell.angle_gamma   90.00
#
_symmetry.space_group_name_H-M   'P 1 21 1'
#
loop_
_entity.id
_entity.type
_entity.pdbx_description
1 polymer 'Ig gamma-1 chain C region'
2 polymer 'Ig gamma-1 chain C region'
3 polymer 'Low affinity immunoglobulin gamma Fc region receptor III-A'
4 branched beta-D-galactopyranose-(1-4)-2-acetamido-2-deoxy-beta-D-glucopyranose-(1-2)-alpha-D-mannopyranose-(1-6)-[2-acetamido-2-deoxy-beta-D-glucopyranose-(1-2)-alpha-D-mannopyranose-(1-3)]beta-D-mannopyranose-(1-4)-2-acetamido-2-deoxy-beta-D-glucopyranose-(1-4)-[beta-L-fucopyranose-(1-6)]2-acetamido-2-deoxy-beta-D-glucopyranose
5 branched alpha-D-mannopyranose-(1-3)-[alpha-D-mannopyranose-(1-6)]beta-D-mannopyranose-(1-4)-2-acetamido-2-deoxy-beta-D-glucopyranose-(1-4)-2-acetamido-2-deoxy-beta-D-glucopyranose
6 branched 2-acetamido-2-deoxy-beta-D-glucopyranose-(1-4)-2-acetamido-2-deoxy-beta-D-glucopyranose
7 branched 2-acetamido-2-deoxy-beta-D-glucopyranose-(1-2)-alpha-D-mannopyranose-(1-3)-[2-acetamido-2-deoxy-beta-D-glucopyranose-(1-2)-alpha-D-mannopyranose-(1-6)]beta-D-mannopyranose-(1-4)-2-acetamido-2-deoxy-beta-D-glucopyranose-(1-4)-[beta-L-fucopyranose-(1-6)]2-acetamido-2-deoxy-beta-D-glucopyranose
8 non-polymer 'IODIDE ION'
9 non-polymer 2-acetamido-2-deoxy-beta-D-glucopyranose
10 water water
#
loop_
_entity_poly.entity_id
_entity_poly.type
_entity_poly.pdbx_seq_one_letter_code
_entity_poly.pdbx_strand_id
1 'polypeptide(L)'
;EPKSSDKTHTCPPCPAPELLGGPSVFLFPPKPKDTLMISRTPEVTCVVVDVSHEEPEVKFNWYVDGVEVHNAKTKPREEQ
YNSTYRVVSVLTVLHQDWLNGKEYKCKVSNDALPKPIEETISKAKGQPREPQVYTLPPSRCELTKNQVSLSCAVKGFYPS
DIAVEWESNGQPENNYKTTPPVLDSDGSFFLVSKLTVDKSRWQQGNVFSCSVMHEALHNHYTQKSLSLSP
;
A,D
2 'polypeptide(L)'
;EPKSSDKTHTCPPCPAPEYYWGPMVFLFPPKPKDTLMISRTPEVTCVVVDVSDEDPEVKFNWYVDGVEVHNAKTKPREEQ
YNATYRVVSVLTVLHQDWLNGKEYKCKVSNKDLPAPIEKTISKAKGQPREPQVCTLPPSRDELTKNQVSLWCLVKGFYPS
DIAVEWESNGQPENNYKTTPPVLDSDGSFFLYSKLTVDKSRWQQGNVFSCSVMHEALHNHYTQKSLSLSP
;
B,E
3 'polypeptide(L)'
;MRTEDLPKAVVFLEPQWYRVLEKDSVTLKCQGAYSPEDQSTQWFHNESLISSQASSYFIDAATVDDSGEYRCQTQLSTLS
DPVQLEVHIGWLLLQAPRWVFKEEDPIHLRCHSWKNTALHKVTYLQNGKGRKYFHHNSDFYIPKATLKDSGSYFCRGLVG
SKNVSSETVQITITQGLAVSTISSFFPPGYQHHHHHH
;
C,F
#
# COMPACT_ATOMS: atom_id res chain seq x y z
N GLU A 18 -17.39 -12.89 0.04
CA GLU A 18 -17.40 -12.47 -1.39
C GLU A 18 -17.57 -10.96 -1.49
N LEU A 19 -16.52 -10.22 -1.14
CA LEU A 19 -16.54 -8.76 -1.17
C LEU A 19 -15.68 -8.25 -2.32
N LEU A 20 -16.17 -8.44 -3.54
CA LEU A 20 -15.40 -8.17 -4.76
C LEU A 20 -14.86 -6.75 -4.86
N GLY A 21 -15.68 -5.77 -4.46
CA GLY A 21 -15.31 -4.37 -4.56
C GLY A 21 -14.30 -3.88 -3.54
N GLY A 22 -14.05 -4.68 -2.50
CA GLY A 22 -13.23 -4.26 -1.38
C GLY A 22 -13.99 -3.30 -0.48
N PRO A 23 -13.31 -2.70 0.50
CA PRO A 23 -13.99 -1.81 1.46
C PRO A 23 -14.47 -0.51 0.83
N SER A 24 -15.59 0.02 1.30
CA SER A 24 -16.08 1.32 0.84
C SER A 24 -16.15 2.33 1.98
N VAL A 25 -16.10 3.61 1.63
CA VAL A 25 -15.93 4.69 2.61
C VAL A 25 -17.10 5.68 2.59
N PHE A 26 -17.57 6.07 3.78
CA PHE A 26 -18.63 7.07 3.92
C PHE A 26 -18.22 8.14 4.92
N LEU A 27 -18.34 9.40 4.51
CA LEU A 27 -17.87 10.54 5.31
C LEU A 27 -19.02 11.40 5.80
N PHE A 28 -19.15 11.52 7.11
CA PHE A 28 -20.28 12.21 7.73
C PHE A 28 -19.89 13.56 8.35
N PRO A 29 -20.76 14.58 8.20
CA PRO A 29 -20.55 15.91 8.77
C PRO A 29 -20.83 15.95 10.28
N PRO A 30 -20.33 17.00 10.97
CA PRO A 30 -20.66 17.22 12.38
C PRO A 30 -22.13 17.57 12.60
N LYS A 31 -22.60 17.36 13.84
CA LYS A 31 -23.96 17.73 14.23
C LYS A 31 -24.08 19.25 14.27
N PRO A 32 -25.18 19.79 13.71
CA PRO A 32 -25.42 21.23 13.62
C PRO A 32 -25.05 22.01 14.90
N LYS A 33 -25.47 21.49 16.05
CA LYS A 33 -25.28 22.16 17.34
C LYS A 33 -23.80 22.28 17.73
N ASP A 34 -23.01 21.27 17.38
CA ASP A 34 -21.60 21.19 17.77
C ASP A 34 -20.72 22.27 17.12
N THR A 35 -21.09 22.65 15.90
CA THR A 35 -20.34 23.66 15.15
C THR A 35 -20.68 25.10 15.59
N LEU A 36 -21.82 25.25 16.25
CA LEU A 36 -22.36 26.57 16.60
C LEU A 36 -21.98 27.02 18.01
N MET A 37 -22.11 26.12 18.98
CA MET A 37 -21.66 26.38 20.34
C MET A 37 -20.14 26.16 20.44
N ILE A 38 -19.43 27.17 20.93
CA ILE A 38 -17.97 27.11 21.01
C ILE A 38 -17.48 26.12 22.09
N SER A 39 -18.38 25.79 23.03
CA SER A 39 -18.07 24.85 24.11
C SER A 39 -18.20 23.38 23.68
N ARG A 40 -18.79 23.15 22.51
CA ARG A 40 -18.97 21.80 21.96
C ARG A 40 -17.75 21.36 21.13
N THR A 41 -17.73 20.09 20.73
CA THR A 41 -16.66 19.53 19.92
C THR A 41 -17.18 18.93 18.62
N PRO A 42 -17.11 19.70 17.52
CA PRO A 42 -17.59 19.20 16.22
C PRO A 42 -16.65 18.18 15.61
N GLU A 43 -17.20 17.01 15.25
CA GLU A 43 -16.42 15.90 14.74
C GLU A 43 -16.85 15.50 13.34
N VAL A 44 -15.86 15.20 12.50
CA VAL A 44 -16.11 14.64 11.17
C VAL A 44 -15.82 13.13 11.24
N THR A 45 -16.75 12.32 10.77
CA THR A 45 -16.68 10.87 10.96
C THR A 45 -16.49 10.12 9.64
N CYS A 46 -15.45 9.28 9.60
CA CYS A 46 -15.12 8.49 8.43
C CYS A 46 -15.35 7.01 8.71
N VAL A 47 -16.44 6.48 8.14
CA VAL A 47 -16.84 5.09 8.36
C VAL A 47 -16.40 4.24 7.17
N VAL A 48 -15.69 3.15 7.47
CA VAL A 48 -15.27 2.19 6.44
C VAL A 48 -15.96 0.86 6.68
N VAL A 49 -16.68 0.38 5.67
CA VAL A 49 -17.38 -0.90 5.77
C VAL A 49 -16.79 -1.94 4.81
N ASP A 50 -17.36 -3.14 4.80
CA ASP A 50 -16.95 -4.22 3.89
C ASP A 50 -15.45 -4.50 3.88
N VAL A 51 -14.84 -4.46 5.05
CA VAL A 51 -13.45 -4.86 5.23
C VAL A 51 -13.42 -6.38 5.44
N SER A 52 -12.62 -7.07 4.63
CA SER A 52 -12.54 -8.53 4.64
C SER A 52 -11.68 -9.05 5.79
N HIS A 53 -11.98 -10.26 6.25
CA HIS A 53 -11.20 -10.93 7.29
C HIS A 53 -9.78 -11.22 6.83
N GLU A 54 -9.61 -11.48 5.52
CA GLU A 54 -8.31 -11.79 4.94
C GLU A 54 -7.42 -10.56 4.84
N GLU A 55 -8.03 -9.40 4.60
CA GLU A 55 -7.30 -8.13 4.50
C GLU A 55 -7.96 -7.07 5.40
N PRO A 56 -7.67 -7.12 6.72
CA PRO A 56 -8.35 -6.27 7.69
C PRO A 56 -7.64 -4.96 8.06
N GLU A 57 -6.36 -4.84 7.71
CA GLU A 57 -5.59 -3.63 8.05
C GLU A 57 -6.04 -2.42 7.24
N VAL A 58 -6.47 -1.37 7.94
CA VAL A 58 -6.97 -0.14 7.30
C VAL A 58 -6.23 1.08 7.85
N LYS A 59 -5.65 1.88 6.94
CA LYS A 59 -4.91 3.08 7.30
C LYS A 59 -5.68 4.34 6.94
N PHE A 60 -5.67 5.33 7.83
CA PHE A 60 -6.37 6.60 7.61
C PHE A 60 -5.44 7.79 7.40
N ASN A 61 -5.74 8.61 6.40
CA ASN A 61 -5.08 9.89 6.22
C ASN A 61 -6.09 11.03 6.12
N TRP A 62 -5.85 12.09 6.87
CA TRP A 62 -6.76 13.23 6.93
C TRP A 62 -6.12 14.49 6.37
N TYR A 63 -6.91 15.26 5.61
CA TYR A 63 -6.44 16.49 4.98
C TYR A 63 -7.45 17.62 5.15
N VAL A 64 -6.99 18.74 5.70
CA VAL A 64 -7.79 19.95 5.81
C VAL A 64 -7.33 20.94 4.75
N ASP A 65 -8.21 21.22 3.79
CA ASP A 65 -7.85 22.00 2.60
C ASP A 65 -6.59 21.45 1.91
N GLY A 66 -6.53 20.14 1.77
CA GLY A 66 -5.39 19.45 1.15
C GLY A 66 -4.14 19.39 2.00
N VAL A 67 -4.24 19.81 3.26
CA VAL A 67 -3.10 19.82 4.19
C VAL A 67 -3.29 18.75 5.28
N GLU A 68 -2.34 17.83 5.37
CA GLU A 68 -2.43 16.68 6.28
C GLU A 68 -2.33 17.07 7.76
N VAL A 69 -3.32 16.61 8.54
CA VAL A 69 -3.32 16.76 10.00
C VAL A 69 -3.17 15.39 10.66
N HIS A 70 -2.70 15.38 11.90
CA HIS A 70 -2.35 14.13 12.58
C HIS A 70 -2.99 13.96 13.95
N ASN A 71 -4.16 14.60 14.15
CA ASN A 71 -4.85 14.54 15.43
C ASN A 71 -6.13 13.68 15.43
N ALA A 72 -6.28 12.84 14.42
CA ALA A 72 -7.45 11.98 14.30
C ALA A 72 -7.32 10.76 15.21
N LYS A 73 -8.45 10.33 15.75
CA LYS A 73 -8.52 9.14 16.59
C LYS A 73 -9.20 8.00 15.86
N THR A 74 -8.57 6.83 15.87
CA THR A 74 -9.14 5.64 15.24
C THR A 74 -9.78 4.73 16.28
N LYS A 75 -11.07 4.47 16.10
CA LYS A 75 -11.80 3.50 16.92
C LYS A 75 -11.46 2.08 16.42
N PRO A 76 -11.43 1.09 17.33
CA PRO A 76 -11.05 -0.27 16.96
C PRO A 76 -12.12 -0.99 16.11
N ARG A 77 -11.67 -1.92 15.28
CA ARG A 77 -12.55 -2.63 14.33
C ARG A 77 -13.64 -3.46 15.00
N GLU A 78 -14.87 -3.31 14.54
CA GLU A 78 -16.02 -4.04 15.06
C GLU A 78 -16.53 -5.06 14.05
N GLU A 79 -16.69 -6.30 14.49
CA GLU A 79 -17.28 -7.35 13.67
C GLU A 79 -18.75 -7.08 13.43
N GLN A 80 -19.20 -7.28 12.20
CA GLN A 80 -20.62 -7.13 11.86
C GLN A 80 -21.24 -8.51 11.63
N TYR A 81 -22.56 -8.58 11.74
CA TYR A 81 -23.27 -9.87 11.59
C TYR A 81 -23.30 -10.39 10.16
N ASN A 82 -23.00 -9.53 9.18
CA ASN A 82 -22.75 -9.99 7.81
C ASN A 82 -21.29 -10.41 7.60
N SER A 83 -20.65 -10.83 8.70
CA SER A 83 -19.26 -11.31 8.73
C SER A 83 -18.23 -10.42 8.04
N THR A 84 -18.36 -9.11 8.24
CA THR A 84 -17.44 -8.12 7.70
C THR A 84 -17.05 -7.12 8.79
N TYR A 85 -15.91 -6.46 8.62
CA TYR A 85 -15.43 -5.50 9.61
C TYR A 85 -15.91 -4.07 9.34
N ARG A 86 -15.94 -3.26 10.40
CA ARG A 86 -16.32 -1.85 10.32
C ARG A 86 -15.35 -1.02 11.15
N VAL A 87 -14.64 -0.11 10.49
CA VAL A 87 -13.67 0.75 11.17
C VAL A 87 -14.05 2.22 11.03
N VAL A 88 -14.04 2.94 12.14
CA VAL A 88 -14.42 4.35 12.18
C VAL A 88 -13.26 5.22 12.66
N SER A 89 -12.95 6.26 11.89
CA SER A 89 -11.99 7.29 12.30
C SER A 89 -12.71 8.62 12.50
N VAL A 90 -12.31 9.34 13.54
CA VAL A 90 -12.98 10.59 13.91
C VAL A 90 -11.97 11.75 14.04
N LEU A 91 -12.29 12.86 13.38
CA LEU A 91 -11.46 14.06 13.44
C LEU A 91 -12.25 15.24 13.99
N THR A 92 -11.76 15.82 15.08
CA THR A 92 -12.40 17.00 15.66
C THR A 92 -11.95 18.24 14.88
N VAL A 93 -12.91 18.95 14.31
CA VAL A 93 -12.63 20.11 13.49
C VAL A 93 -12.70 21.41 14.31
N LEU A 94 -12.04 22.46 13.83
CA LEU A 94 -12.17 23.78 14.44
C LEU A 94 -13.46 24.43 13.96
N HIS A 95 -14.23 24.99 14.90
CA HIS A 95 -15.53 25.59 14.62
C HIS A 95 -15.49 26.57 13.44
N GLN A 96 -14.59 27.55 13.51
CA GLN A 96 -14.44 28.56 12.46
C GLN A 96 -14.13 27.94 11.10
N ASP A 97 -13.26 26.92 11.10
CA ASP A 97 -12.83 26.27 9.87
C ASP A 97 -13.95 25.57 9.11
N TRP A 98 -14.82 24.85 9.82
CA TRP A 98 -15.97 24.22 9.20
C TRP A 98 -16.94 25.26 8.65
N LEU A 99 -17.18 26.31 9.43
CA LEU A 99 -18.12 27.38 9.04
C LEU A 99 -17.63 28.18 7.84
N ASN A 100 -16.31 28.34 7.71
CA ASN A 100 -15.73 29.09 6.60
C ASN A 100 -15.63 28.28 5.30
N GLY A 101 -16.06 27.02 5.34
CA GLY A 101 -16.17 26.20 4.15
C GLY A 101 -14.94 25.38 3.80
N LYS A 102 -14.13 25.04 4.81
CA LYS A 102 -12.96 24.18 4.62
C LYS A 102 -13.35 22.76 4.20
N GLU A 103 -12.62 22.22 3.23
CA GLU A 103 -12.83 20.84 2.77
C GLU A 103 -12.04 19.85 3.62
N TYR A 104 -12.74 18.79 4.07
CA TYR A 104 -12.12 17.75 4.87
C TYR A 104 -12.08 16.43 4.10
N LYS A 105 -10.87 15.92 3.90
CA LYS A 105 -10.65 14.74 3.07
C LYS A 105 -10.19 13.54 3.90
N CYS A 106 -10.93 12.45 3.79
CA CYS A 106 -10.57 11.17 4.41
C CYS A 106 -10.02 10.23 3.34
N LYS A 107 -8.76 9.83 3.52
CA LYS A 107 -8.06 8.95 2.57
C LYS A 107 -7.84 7.59 3.22
N VAL A 108 -8.39 6.54 2.60
CA VAL A 108 -8.42 5.22 3.21
C VAL A 108 -7.64 4.20 2.37
N SER A 109 -6.70 3.50 3.01
CA SER A 109 -5.89 2.49 2.36
C SER A 109 -6.26 1.07 2.82
N ASN A 110 -6.22 0.13 1.88
CA ASN A 110 -6.48 -1.28 2.14
C ASN A 110 -5.98 -2.12 0.98
N ASP A 111 -5.47 -3.32 1.27
CA ASP A 111 -4.87 -4.19 0.26
C ASP A 111 -5.88 -4.82 -0.73
N ALA A 112 -7.16 -4.70 -0.43
CA ALA A 112 -8.20 -5.18 -1.35
C ALA A 112 -8.57 -4.12 -2.38
N LEU A 113 -7.86 -2.99 -2.36
CA LEU A 113 -8.14 -1.87 -3.25
C LEU A 113 -6.99 -1.63 -4.23
N PRO A 114 -7.32 -1.14 -5.44
CA PRO A 114 -6.26 -0.83 -6.42
C PRO A 114 -5.47 0.42 -6.03
N LYS A 115 -6.14 1.35 -5.34
CA LYS A 115 -5.53 2.58 -4.83
C LYS A 115 -6.36 3.12 -3.67
N PRO A 116 -5.75 3.92 -2.77
CA PRO A 116 -6.48 4.52 -1.66
C PRO A 116 -7.75 5.25 -2.10
N ILE A 117 -8.84 5.08 -1.35
CA ILE A 117 -10.10 5.74 -1.63
C ILE A 117 -10.20 7.05 -0.86
N GLU A 118 -10.62 8.11 -1.55
CA GLU A 118 -10.76 9.43 -0.96
C GLU A 118 -12.21 9.88 -0.92
N GLU A 119 -12.59 10.55 0.17
CA GLU A 119 -13.89 11.19 0.26
C GLU A 119 -13.74 12.61 0.80
N THR A 120 -14.66 13.49 0.43
CA THR A 120 -14.57 14.90 0.75
C THR A 120 -15.93 15.46 1.20
N ILE A 121 -15.94 16.15 2.33
CA ILE A 121 -17.11 16.89 2.78
C ILE A 121 -16.76 18.33 3.14
N SER A 122 -17.78 19.19 3.02
CA SER A 122 -17.66 20.61 3.26
C SER A 122 -19.05 21.10 3.63
N LYS A 123 -19.13 22.18 4.39
CA LYS A 123 -20.39 22.84 4.66
C LYS A 123 -21.03 23.24 3.33
N ALA A 124 -22.35 23.04 3.22
CA ALA A 124 -23.07 23.27 1.96
C ALA A 124 -22.77 24.67 1.39
N LYS A 125 -22.39 24.70 0.11
CA LYS A 125 -22.08 25.95 -0.58
C LYS A 125 -23.32 26.80 -0.78
N GLY A 126 -23.13 28.11 -0.86
CA GLY A 126 -24.23 29.05 -1.00
C GLY A 126 -24.22 30.06 0.12
N GLN A 127 -24.81 31.23 -0.12
CA GLN A 127 -24.82 32.32 0.85
C GLN A 127 -25.80 32.05 2.00
N PRO A 128 -25.31 32.15 3.25
CA PRO A 128 -26.15 31.94 4.44
C PRO A 128 -27.23 33.01 4.59
N ARG A 129 -28.42 32.58 4.97
CA ARG A 129 -29.56 33.47 5.19
C ARG A 129 -30.06 33.35 6.62
N GLU A 130 -30.34 34.49 7.25
CA GLU A 130 -30.79 34.53 8.64
C GLU A 130 -32.23 34.03 8.77
N PRO A 131 -32.47 33.09 9.71
CA PRO A 131 -33.82 32.61 9.98
C PRO A 131 -34.67 33.64 10.70
N GLN A 132 -35.98 33.58 10.48
CA GLN A 132 -36.96 34.41 11.18
C GLN A 132 -37.73 33.50 12.12
N VAL A 133 -37.84 33.90 13.38
CA VAL A 133 -38.49 33.06 14.40
C VAL A 133 -39.79 33.69 14.89
N TYR A 134 -40.88 32.93 14.77
CA TYR A 134 -42.20 33.37 15.23
C TYR A 134 -42.81 32.32 16.14
N THR A 135 -43.49 32.78 17.19
CA THR A 135 -44.24 31.89 18.06
C THR A 135 -45.72 31.97 17.70
N LEU A 136 -46.43 30.86 17.89
CA LEU A 136 -47.85 30.79 17.57
C LEU A 136 -48.65 30.15 18.70
N PRO A 137 -49.54 30.92 19.35
CA PRO A 137 -50.36 30.42 20.45
C PRO A 137 -51.28 29.28 20.01
N PRO A 138 -51.86 28.53 20.96
CA PRO A 138 -52.71 27.40 20.62
C PRO A 138 -53.91 27.76 19.75
N SER A 139 -54.21 26.90 18.78
CA SER A 139 -55.35 27.03 17.89
C SER A 139 -56.68 26.90 18.63
N ARG A 140 -57.74 27.43 18.01
CA ARG A 140 -59.10 27.34 18.55
C ARG A 140 -59.58 25.90 18.73
N CYS A 141 -58.93 24.96 18.04
CA CYS A 141 -59.30 23.55 18.08
C CYS A 141 -59.09 22.91 19.46
N GLU A 142 -58.18 23.47 20.24
CA GLU A 142 -57.79 22.89 21.52
C GLU A 142 -58.47 23.50 22.75
N LEU A 143 -59.45 24.38 22.53
CA LEU A 143 -60.19 25.03 23.62
C LEU A 143 -60.89 24.04 24.55
N THR A 144 -61.33 22.90 24.01
CA THR A 144 -61.98 21.85 24.80
C THR A 144 -61.00 20.78 25.24
N LYS A 145 -59.88 20.65 24.51
CA LYS A 145 -58.86 19.65 24.79
C LYS A 145 -58.10 19.95 26.09
N ASN A 146 -57.56 18.91 26.70
CA ASN A 146 -56.92 19.04 28.01
C ASN A 146 -55.45 19.45 27.94
N GLN A 147 -54.90 19.46 26.74
CA GLN A 147 -53.52 19.92 26.49
C GLN A 147 -53.47 20.81 25.24
N VAL A 148 -52.48 21.69 25.19
CA VAL A 148 -52.35 22.65 24.09
C VAL A 148 -51.02 22.52 23.36
N SER A 149 -51.01 22.90 22.09
CA SER A 149 -49.81 22.89 21.27
C SER A 149 -49.31 24.31 21.05
N LEU A 150 -48.03 24.52 21.34
CA LEU A 150 -47.38 25.78 21.01
C LEU A 150 -46.47 25.56 19.82
N SER A 151 -46.52 26.49 18.87
CA SER A 151 -45.77 26.36 17.63
C SER A 151 -44.61 27.34 17.57
N CYS A 152 -43.49 26.89 17.01
CA CYS A 152 -42.36 27.78 16.77
C CYS A 152 -41.96 27.70 15.30
N ALA A 153 -42.39 28.68 14.53
CA ALA A 153 -42.11 28.72 13.11
C ALA A 153 -40.75 29.38 12.84
N VAL A 154 -39.85 28.61 12.24
CA VAL A 154 -38.54 29.12 11.86
C VAL A 154 -38.44 29.03 10.35
N LYS A 155 -38.20 30.17 9.69
CA LYS A 155 -38.20 30.20 8.23
C LYS A 155 -37.21 31.21 7.63
N GLY A 156 -36.81 30.94 6.39
CA GLY A 156 -35.92 31.81 5.65
C GLY A 156 -34.44 31.57 5.91
N PHE A 157 -34.10 30.36 6.35
CA PHE A 157 -32.71 30.04 6.67
C PHE A 157 -32.02 29.15 5.64
N TYR A 158 -30.71 29.37 5.49
CA TYR A 158 -29.86 28.54 4.65
C TYR A 158 -28.45 28.53 5.26
N PRO A 159 -27.82 27.35 5.37
CA PRO A 159 -28.33 26.03 4.98
C PRO A 159 -29.23 25.41 6.05
N SER A 160 -29.67 24.19 5.80
CA SER A 160 -30.62 23.49 6.68
C SER A 160 -30.08 23.14 8.06
N ASP A 161 -28.77 23.33 8.27
CA ASP A 161 -28.12 23.04 9.54
C ASP A 161 -28.65 23.96 10.64
N ILE A 162 -29.54 23.41 11.47
CA ILE A 162 -30.25 24.19 12.48
C ILE A 162 -30.63 23.31 13.67
N ALA A 163 -30.78 23.93 14.84
CA ALA A 163 -31.22 23.24 16.06
C ALA A 163 -32.25 24.09 16.80
N VAL A 164 -33.24 23.42 17.39
CA VAL A 164 -34.36 24.09 18.08
C VAL A 164 -34.67 23.40 19.40
N GLU A 165 -34.82 24.20 20.46
CA GLU A 165 -35.16 23.69 21.80
C GLU A 165 -36.23 24.54 22.48
N TRP A 166 -36.92 23.93 23.45
CA TRP A 166 -37.94 24.61 24.24
C TRP A 166 -37.58 24.64 25.73
N GLU A 167 -37.90 25.73 26.40
CA GLU A 167 -37.66 25.88 27.84
C GLU A 167 -38.69 26.79 28.52
N SER A 168 -38.96 26.51 29.79
CA SER A 168 -39.87 27.32 30.61
C SER A 168 -39.32 27.48 32.03
N ASN A 169 -39.18 28.73 32.47
CA ASN A 169 -38.59 29.08 33.77
C ASN A 169 -37.16 28.54 33.95
N GLY A 170 -36.40 28.52 32.85
CA GLY A 170 -35.03 28.00 32.86
C GLY A 170 -34.93 26.52 32.53
N GLN A 171 -35.89 25.74 33.02
CA GLN A 171 -35.92 24.29 32.83
C GLN A 171 -36.31 23.92 31.40
N PRO A 172 -35.54 23.03 30.76
CA PRO A 172 -35.85 22.57 29.40
C PRO A 172 -37.15 21.74 29.37
N GLU A 173 -37.96 21.96 28.33
CA GLU A 173 -39.22 21.24 28.17
C GLU A 173 -39.02 19.89 27.51
N ASN A 174 -39.76 18.89 27.96
CA ASN A 174 -39.54 17.51 27.52
C ASN A 174 -40.45 17.05 26.37
N ASN A 175 -41.63 17.65 26.25
CA ASN A 175 -42.64 17.17 25.31
C ASN A 175 -42.75 17.99 24.02
N TYR A 176 -41.76 17.87 23.14
CA TYR A 176 -41.78 18.58 21.86
C TYR A 176 -41.17 17.78 20.70
N LYS A 177 -41.66 18.05 19.49
CA LYS A 177 -41.12 17.44 18.26
C LYS A 177 -40.88 18.53 17.22
N THR A 178 -39.74 18.45 16.53
CA THR A 178 -39.39 19.42 15.50
C THR A 178 -39.44 18.76 14.13
N THR A 179 -40.20 19.36 13.22
CA THR A 179 -40.29 18.88 11.83
C THR A 179 -38.96 19.09 11.12
N PRO A 180 -38.61 18.19 10.19
CA PRO A 180 -37.38 18.36 9.41
C PRO A 180 -37.42 19.63 8.56
N PRO A 181 -36.24 20.15 8.16
CA PRO A 181 -36.22 21.31 7.27
C PRO A 181 -36.92 21.02 5.95
N VAL A 182 -37.74 21.97 5.50
CA VAL A 182 -38.47 21.83 4.24
C VAL A 182 -38.03 22.94 3.29
N LEU A 183 -37.67 22.56 2.07
CA LEU A 183 -37.25 23.53 1.05
C LEU A 183 -38.41 24.42 0.62
N ASP A 184 -38.23 25.72 0.74
CA ASP A 184 -39.25 26.69 0.36
C ASP A 184 -39.06 27.13 -1.09
N SER A 185 -39.95 27.98 -1.59
CA SER A 185 -39.95 28.38 -3.00
C SER A 185 -38.82 29.33 -3.39
N ASP A 186 -38.22 29.99 -2.41
CA ASP A 186 -37.15 30.96 -2.65
C ASP A 186 -35.75 30.36 -2.54
N GLY A 187 -35.67 29.10 -2.11
CA GLY A 187 -34.39 28.42 -1.93
C GLY A 187 -34.00 28.25 -0.47
N SER A 188 -34.58 29.09 0.38
CA SER A 188 -34.34 29.00 1.82
C SER A 188 -35.19 27.89 2.44
N PHE A 189 -34.87 27.53 3.68
CA PHE A 189 -35.55 26.44 4.37
C PHE A 189 -36.48 26.96 5.46
N PHE A 190 -37.47 26.15 5.80
CA PHE A 190 -38.35 26.43 6.94
C PHE A 190 -38.68 25.15 7.71
N LEU A 191 -38.90 25.31 9.01
CA LEU A 191 -39.41 24.22 9.84
C LEU A 191 -40.27 24.77 10.97
N VAL A 192 -40.98 23.87 11.65
CA VAL A 192 -41.82 24.24 12.77
C VAL A 192 -41.57 23.26 13.91
N SER A 193 -41.41 23.80 15.12
CA SER A 193 -41.28 22.96 16.30
C SER A 193 -42.53 23.08 17.15
N LYS A 194 -43.09 21.94 17.54
CA LYS A 194 -44.34 21.90 18.27
C LYS A 194 -44.12 21.42 19.70
N LEU A 195 -44.37 22.30 20.66
CA LEU A 195 -44.32 21.95 22.08
C LEU A 195 -45.72 21.66 22.60
N THR A 196 -45.87 20.53 23.29
CA THR A 196 -47.14 20.15 23.92
C THR A 196 -47.05 20.35 25.43
N VAL A 197 -47.99 21.13 25.96
CA VAL A 197 -48.07 21.40 27.40
C VAL A 197 -49.51 21.31 27.86
N ASP A 198 -49.69 21.06 29.17
CA ASP A 198 -51.02 21.00 29.75
C ASP A 198 -51.72 22.35 29.66
N LYS A 199 -53.03 22.31 29.43
CA LYS A 199 -53.82 23.53 29.24
C LYS A 199 -53.73 24.45 30.46
N SER A 200 -53.74 23.86 31.65
CA SER A 200 -53.68 24.60 32.90
C SER A 200 -52.43 25.47 33.01
N ARG A 201 -51.29 24.91 32.59
CA ARG A 201 -50.04 25.66 32.56
C ARG A 201 -50.16 26.87 31.63
N TRP A 202 -50.96 26.73 30.57
CA TRP A 202 -51.23 27.83 29.65
C TRP A 202 -52.24 28.82 30.23
N GLN A 203 -53.27 28.32 30.92
CA GLN A 203 -54.25 29.18 31.61
C GLN A 203 -53.52 30.20 32.48
N GLN A 204 -52.56 29.70 33.26
CA GLN A 204 -51.65 30.55 34.03
C GLN A 204 -50.70 31.26 33.07
N GLY A 205 -50.31 32.49 33.40
CA GLY A 205 -49.48 33.31 32.53
C GLY A 205 -48.04 32.85 32.40
N ASN A 206 -47.85 31.53 32.34
CA ASN A 206 -46.53 30.94 32.17
C ASN A 206 -45.90 31.29 30.84
N VAL A 207 -44.60 31.60 30.88
CA VAL A 207 -43.87 31.97 29.67
C VAL A 207 -43.04 30.78 29.20
N PHE A 208 -43.26 30.38 27.95
CA PHE A 208 -42.45 29.36 27.31
C PHE A 208 -41.57 30.02 26.27
N SER A 209 -40.37 29.47 26.06
CA SER A 209 -39.41 30.05 25.14
C SER A 209 -38.92 29.06 24.10
N CYS A 210 -38.66 29.57 22.90
CA CYS A 210 -38.17 28.76 21.80
C CYS A 210 -36.78 29.25 21.38
N SER A 211 -35.77 28.45 21.69
CA SER A 211 -34.38 28.80 21.35
C SER A 211 -33.99 28.18 20.02
N VAL A 212 -33.39 28.99 19.15
CA VAL A 212 -33.00 28.58 17.81
C VAL A 212 -31.52 28.87 17.60
N MET A 213 -30.80 27.88 17.07
CA MET A 213 -29.37 28.00 16.81
C MET A 213 -29.07 27.80 15.33
N HIS A 214 -28.37 28.77 14.74
CA HIS A 214 -28.02 28.76 13.32
C HIS A 214 -26.78 29.63 13.11
N GLU A 215 -26.04 29.37 12.04
CA GLU A 215 -24.77 30.08 11.78
C GLU A 215 -24.96 31.55 11.40
N ALA A 216 -26.13 31.87 10.84
CA ALA A 216 -26.41 33.21 10.33
C ALA A 216 -26.98 34.15 11.39
N LEU A 217 -27.30 33.59 12.56
CA LEU A 217 -27.80 34.39 13.68
C LEU A 217 -26.66 35.03 14.45
N HIS A 218 -26.93 36.19 15.03
CA HIS A 218 -25.96 36.90 15.88
C HIS A 218 -25.66 36.05 17.12
N ASN A 219 -24.37 35.77 17.32
CA ASN A 219 -23.89 34.92 18.42
C ASN A 219 -24.43 33.49 18.32
N HIS A 220 -24.77 33.08 17.10
CA HIS A 220 -25.34 31.76 16.78
C HIS A 220 -26.60 31.36 17.59
N TYR A 221 -27.29 32.36 18.13
CA TYR A 221 -28.40 32.11 19.05
C TYR A 221 -29.51 33.15 18.90
N THR A 222 -30.75 32.70 19.04
CA THR A 222 -31.91 33.58 19.17
C THR A 222 -32.98 32.91 20.04
N GLN A 223 -33.80 33.74 20.69
CA GLN A 223 -34.83 33.24 21.59
C GLN A 223 -36.09 34.08 21.47
N LYS A 224 -37.22 33.39 21.28
CA LYS A 224 -38.53 34.05 21.27
C LYS A 224 -39.44 33.43 22.32
N SER A 225 -40.10 34.29 23.08
CA SER A 225 -40.96 33.86 24.18
C SER A 225 -42.44 33.96 23.82
N LEU A 226 -43.29 33.34 24.64
CA LEU A 226 -44.72 33.22 24.34
C LEU A 226 -45.54 32.97 25.60
N SER A 227 -46.61 33.75 25.76
CA SER A 227 -47.48 33.64 26.94
C SER A 227 -48.88 34.19 26.69
N LEU A 228 -49.82 33.76 27.53
CA LEU A 228 -51.17 34.31 27.55
C LEU A 228 -51.12 35.71 28.17
N SER A 229 -50.87 36.73 27.34
CA SER A 229 -50.75 38.10 27.80
C SER A 229 -52.08 38.84 27.72
N TYR B 20 -28.95 -14.42 -10.11
CA TYR B 20 -28.80 -13.07 -10.73
C TYR B 20 -29.34 -13.04 -12.15
N TRP B 21 -30.21 -12.06 -12.43
CA TRP B 21 -30.80 -11.89 -13.75
C TRP B 21 -30.38 -10.57 -14.39
N GLY B 22 -30.35 -9.50 -13.59
CA GLY B 22 -30.00 -8.17 -14.08
C GLY B 22 -31.02 -7.11 -13.70
N PRO B 23 -32.15 -7.05 -14.42
CA PRO B 23 -33.17 -6.03 -14.19
C PRO B 23 -33.75 -6.07 -12.78
N MET B 24 -33.99 -4.90 -12.21
CA MET B 24 -34.59 -4.77 -10.90
C MET B 24 -36.07 -4.40 -11.00
N VAL B 25 -36.85 -4.80 -10.00
CA VAL B 25 -38.28 -4.53 -9.97
C VAL B 25 -38.67 -3.75 -8.73
N PHE B 26 -39.48 -2.70 -8.94
CA PHE B 26 -40.01 -1.89 -7.84
C PHE B 26 -41.52 -1.74 -7.98
N LEU B 27 -42.22 -1.87 -6.85
CA LEU B 27 -43.68 -1.75 -6.83
C LEU B 27 -44.12 -0.56 -5.97
N PHE B 28 -44.89 0.34 -6.57
CA PHE B 28 -45.30 1.59 -5.91
C PHE B 28 -46.78 1.63 -5.53
N PRO B 29 -47.11 2.19 -4.36
CA PRO B 29 -48.49 2.35 -3.91
C PRO B 29 -49.20 3.48 -4.65
N PRO B 30 -50.55 3.51 -4.60
CA PRO B 30 -51.30 4.63 -5.17
C PRO B 30 -51.20 5.90 -4.32
N LYS B 31 -51.49 7.04 -4.94
CA LYS B 31 -51.49 8.32 -4.24
C LYS B 31 -52.70 8.40 -3.31
N PRO B 32 -52.48 8.84 -2.05
CA PRO B 32 -53.54 8.96 -1.05
C PRO B 32 -54.83 9.61 -1.54
N LYS B 33 -54.73 10.72 -2.27
CA LYS B 33 -55.92 11.38 -2.85
C LYS B 33 -56.73 10.45 -3.76
N ASP B 34 -56.03 9.66 -4.56
CA ASP B 34 -56.67 8.75 -5.51
C ASP B 34 -57.45 7.64 -4.81
N THR B 35 -56.92 7.16 -3.69
CA THR B 35 -57.57 6.10 -2.91
C THR B 35 -58.78 6.59 -2.12
N LEU B 36 -58.81 7.89 -1.84
CA LEU B 36 -59.80 8.49 -0.94
C LEU B 36 -60.96 9.18 -1.66
N MET B 37 -60.65 9.98 -2.68
CA MET B 37 -61.70 10.56 -3.54
C MET B 37 -62.25 9.48 -4.47
N ILE B 38 -63.55 9.24 -4.40
CA ILE B 38 -64.21 8.19 -5.18
C ILE B 38 -64.20 8.47 -6.71
N SER B 39 -64.19 9.75 -7.08
CA SER B 39 -64.14 10.14 -8.49
C SER B 39 -62.80 9.85 -9.14
N ARG B 40 -61.73 9.75 -8.34
CA ARG B 40 -60.38 9.53 -8.84
C ARG B 40 -60.03 8.06 -9.07
N THR B 41 -58.97 7.82 -9.84
CA THR B 41 -58.53 6.47 -10.18
C THR B 41 -57.20 6.13 -9.49
N PRO B 42 -57.25 5.30 -8.42
CA PRO B 42 -56.02 4.85 -7.76
C PRO B 42 -55.35 3.72 -8.53
N GLU B 43 -54.03 3.83 -8.69
CA GLU B 43 -53.25 2.89 -9.48
C GLU B 43 -52.07 2.34 -8.69
N VAL B 44 -51.77 1.05 -8.89
CA VAL B 44 -50.55 0.46 -8.36
C VAL B 44 -49.59 0.21 -9.51
N THR B 45 -48.37 0.73 -9.39
CA THR B 45 -47.40 0.74 -10.49
C THR B 45 -46.22 -0.20 -10.26
N CYS B 46 -45.97 -1.08 -11.24
CA CYS B 46 -44.83 -1.98 -11.22
C CYS B 46 -43.80 -1.54 -12.26
N VAL B 47 -42.64 -1.12 -11.78
CA VAL B 47 -41.58 -0.61 -12.66
C VAL B 47 -40.42 -1.60 -12.74
N VAL B 48 -40.03 -1.95 -13.96
CA VAL B 48 -38.87 -2.81 -14.17
C VAL B 48 -37.74 -1.98 -14.80
N VAL B 49 -36.69 -1.76 -14.01
CA VAL B 49 -35.55 -0.96 -14.43
C VAL B 49 -34.36 -1.83 -14.85
N ASP B 50 -33.42 -1.22 -15.57
CA ASP B 50 -32.20 -1.90 -16.05
C ASP B 50 -32.49 -3.11 -16.93
N VAL B 51 -33.39 -2.93 -17.88
CA VAL B 51 -33.67 -3.93 -18.90
C VAL B 51 -32.65 -3.76 -20.02
N SER B 52 -31.91 -4.83 -20.33
CA SER B 52 -30.96 -4.80 -21.43
C SER B 52 -31.68 -4.88 -22.77
N ASP B 53 -30.99 -4.46 -23.84
CA ASP B 53 -31.51 -4.60 -25.19
C ASP B 53 -31.54 -6.07 -25.59
N GLU B 54 -30.66 -6.86 -24.98
CA GLU B 54 -30.57 -8.30 -25.23
C GLU B 54 -31.59 -9.10 -24.43
N ASP B 55 -32.30 -8.44 -23.51
CA ASP B 55 -33.45 -9.03 -22.84
C ASP B 55 -34.63 -9.12 -23.81
N PRO B 56 -35.41 -10.22 -23.74
CA PRO B 56 -36.60 -10.34 -24.57
C PRO B 56 -37.79 -9.54 -24.02
N GLU B 57 -39.00 -10.01 -24.30
CA GLU B 57 -40.22 -9.34 -23.85
C GLU B 57 -40.54 -9.68 -22.39
N VAL B 58 -40.75 -8.64 -21.59
CA VAL B 58 -41.10 -8.79 -20.18
C VAL B 58 -42.62 -8.96 -20.06
N LYS B 59 -43.04 -9.96 -19.28
CA LYS B 59 -44.46 -10.25 -19.08
C LYS B 59 -44.87 -10.01 -17.63
N PHE B 60 -46.07 -9.47 -17.44
CA PHE B 60 -46.57 -9.14 -16.11
C PHE B 60 -47.78 -9.95 -15.69
N ASN B 61 -47.83 -10.32 -14.42
CA ASN B 61 -48.99 -10.97 -13.83
C ASN B 61 -49.35 -10.32 -12.49
N TRP B 62 -50.58 -9.85 -12.37
CA TRP B 62 -51.05 -9.17 -11.16
C TRP B 62 -51.97 -10.03 -10.32
N TYR B 63 -51.80 -9.97 -9.00
CA TYR B 63 -52.61 -10.76 -8.07
C TYR B 63 -53.12 -9.95 -6.88
N VAL B 64 -54.45 -9.83 -6.79
CA VAL B 64 -55.10 -9.17 -5.65
C VAL B 64 -55.58 -10.24 -4.67
N ASP B 65 -54.81 -10.44 -3.61
CA ASP B 65 -55.01 -11.54 -2.66
C ASP B 65 -55.03 -12.91 -3.36
N GLY B 66 -53.93 -13.21 -4.05
CA GLY B 66 -53.80 -14.48 -4.77
C GLY B 66 -54.57 -14.53 -6.08
N VAL B 67 -55.72 -13.87 -6.12
CA VAL B 67 -56.60 -13.88 -7.29
C VAL B 67 -56.02 -13.02 -8.41
N GLU B 68 -55.88 -13.61 -9.59
CA GLU B 68 -55.31 -12.90 -10.75
C GLU B 68 -56.32 -11.96 -11.39
N VAL B 69 -55.82 -10.81 -11.87
CA VAL B 69 -56.62 -9.86 -12.63
C VAL B 69 -55.94 -9.54 -13.96
N HIS B 70 -56.72 -9.11 -14.95
CA HIS B 70 -56.21 -8.92 -16.30
C HIS B 70 -56.56 -7.56 -16.92
N ASN B 71 -56.77 -6.55 -16.06
CA ASN B 71 -57.14 -5.21 -16.53
C ASN B 71 -55.98 -4.22 -16.59
N ALA B 72 -54.76 -4.70 -16.36
CA ALA B 72 -53.57 -3.86 -16.32
C ALA B 72 -53.09 -3.47 -17.72
N LYS B 73 -53.05 -2.17 -17.99
CA LYS B 73 -52.50 -1.64 -19.24
C LYS B 73 -50.98 -1.51 -19.12
N THR B 74 -50.26 -2.32 -19.88
CA THR B 74 -48.80 -2.36 -19.84
C THR B 74 -48.18 -1.59 -21.00
N LYS B 75 -47.44 -0.54 -20.67
CA LYS B 75 -46.73 0.27 -21.67
C LYS B 75 -45.56 -0.52 -22.24
N PRO B 76 -45.19 -0.27 -23.52
CA PRO B 76 -44.04 -0.95 -24.12
C PRO B 76 -42.71 -0.51 -23.48
N ARG B 77 -41.64 -1.23 -23.79
CA ARG B 77 -40.30 -0.87 -23.31
C ARG B 77 -39.91 0.52 -23.77
N GLU B 78 -39.31 1.30 -22.87
CA GLU B 78 -38.95 2.68 -23.15
C GLU B 78 -37.45 2.89 -22.90
N GLU B 79 -36.77 3.48 -23.90
CA GLU B 79 -35.33 3.70 -23.83
C GLU B 79 -34.98 4.87 -22.92
N GLN B 80 -33.98 4.66 -22.07
CA GLN B 80 -33.52 5.67 -21.11
C GLN B 80 -32.22 6.32 -21.58
N TYR B 81 -31.81 7.38 -20.88
CA TYR B 81 -30.63 8.17 -21.25
C TYR B 81 -29.29 7.46 -20.99
N ASN B 82 -29.30 6.46 -20.10
CA ASN B 82 -28.10 5.66 -19.84
C ASN B 82 -28.10 4.32 -20.60
N ALA B 83 -28.81 4.29 -21.72
CA ALA B 83 -28.88 3.13 -22.63
C ALA B 83 -29.57 1.89 -22.04
N THR B 84 -30.12 2.03 -20.83
CA THR B 84 -30.94 0.97 -20.25
C THR B 84 -32.38 1.12 -20.74
N TYR B 85 -33.21 0.13 -20.47
CA TYR B 85 -34.62 0.20 -20.82
C TYR B 85 -35.51 0.07 -19.59
N ARG B 86 -36.72 0.60 -19.67
CA ARG B 86 -37.65 0.64 -18.56
C ARG B 86 -39.03 0.14 -19.01
N VAL B 87 -39.53 -0.88 -18.33
CA VAL B 87 -40.87 -1.42 -18.62
C VAL B 87 -41.79 -1.14 -17.44
N VAL B 88 -42.90 -0.45 -17.72
CA VAL B 88 -43.84 -0.04 -16.68
C VAL B 88 -45.22 -0.65 -16.90
N SER B 89 -45.73 -1.32 -15.85
CA SER B 89 -47.06 -1.91 -15.86
C SER B 89 -47.92 -1.25 -14.79
N VAL B 90 -49.05 -0.69 -15.22
CA VAL B 90 -49.95 0.03 -14.32
C VAL B 90 -51.26 -0.76 -14.16
N LEU B 91 -51.60 -1.08 -12.92
CA LEU B 91 -52.87 -1.72 -12.59
C LEU B 91 -53.83 -0.73 -11.92
N THR B 92 -55.08 -0.73 -12.36
CA THR B 92 -56.14 0.05 -11.73
C THR B 92 -56.74 -0.76 -10.57
N VAL B 93 -56.78 -0.13 -9.39
CA VAL B 93 -57.29 -0.80 -8.20
C VAL B 93 -58.58 -0.14 -7.70
N LEU B 94 -59.45 -0.94 -7.08
CA LEU B 94 -60.68 -0.42 -6.48
C LEU B 94 -60.37 0.25 -5.15
N HIS B 95 -61.05 1.37 -4.90
CA HIS B 95 -60.79 2.21 -3.73
C HIS B 95 -60.84 1.43 -2.42
N GLN B 96 -61.91 0.67 -2.22
CA GLN B 96 -62.14 -0.05 -0.97
C GLN B 96 -61.26 -1.28 -0.83
N ASP B 97 -60.84 -1.85 -1.96
CA ASP B 97 -59.89 -2.96 -1.98
C ASP B 97 -58.58 -2.58 -1.30
N TRP B 98 -58.08 -1.38 -1.60
CA TRP B 98 -56.84 -0.88 -1.02
C TRP B 98 -57.01 -0.57 0.47
N LEU B 99 -58.15 0.04 0.81
CA LEU B 99 -58.40 0.47 2.20
C LEU B 99 -58.62 -0.71 3.14
N ASN B 100 -59.21 -1.79 2.61
CA ASN B 100 -59.42 -3.01 3.39
C ASN B 100 -58.14 -3.84 3.62
N GLY B 101 -57.00 -3.30 3.17
CA GLY B 101 -55.69 -3.87 3.46
C GLY B 101 -55.33 -5.09 2.63
N LYS B 102 -55.82 -5.13 1.40
CA LYS B 102 -55.57 -6.26 0.50
C LYS B 102 -54.16 -6.25 -0.06
N GLU B 103 -53.55 -7.44 -0.13
CA GLU B 103 -52.20 -7.63 -0.64
C GLU B 103 -52.20 -7.53 -2.16
N TYR B 104 -51.20 -6.84 -2.71
CA TYR B 104 -51.07 -6.66 -4.17
C TYR B 104 -49.74 -7.20 -4.69
N LYS B 105 -49.81 -8.27 -5.48
CA LYS B 105 -48.61 -8.89 -6.04
C LYS B 105 -48.33 -8.50 -7.48
N CYS B 106 -47.05 -8.29 -7.78
CA CYS B 106 -46.58 -8.08 -9.14
C CYS B 106 -45.62 -9.22 -9.52
N LYS B 107 -46.00 -9.99 -10.53
CA LYS B 107 -45.17 -11.10 -11.01
C LYS B 107 -44.46 -10.72 -12.30
N VAL B 108 -43.14 -10.62 -12.23
CA VAL B 108 -42.33 -10.27 -13.39
C VAL B 108 -41.68 -11.53 -13.96
N SER B 109 -42.06 -11.86 -15.20
CA SER B 109 -41.62 -13.10 -15.84
C SER B 109 -40.94 -12.83 -17.18
N ASN B 110 -39.91 -13.63 -17.46
CA ASN B 110 -39.17 -13.54 -18.72
C ASN B 110 -38.87 -14.93 -19.27
N LYS B 111 -38.59 -15.00 -20.57
CA LYS B 111 -38.33 -16.27 -21.25
C LYS B 111 -37.07 -16.99 -20.74
N ASP B 112 -36.00 -16.24 -20.50
CA ASP B 112 -34.77 -16.79 -19.92
C ASP B 112 -34.58 -16.32 -18.47
N LEU B 113 -35.59 -16.59 -17.65
CA LEU B 113 -35.55 -16.27 -16.22
C LEU B 113 -35.91 -17.51 -15.41
N PRO B 114 -34.97 -18.00 -14.59
CA PRO B 114 -35.15 -19.22 -13.78
C PRO B 114 -36.39 -19.16 -12.89
N ALA B 115 -36.42 -18.19 -11.98
CA ALA B 115 -37.58 -17.96 -11.12
C ALA B 115 -38.09 -16.54 -11.31
N PRO B 116 -39.40 -16.38 -11.60
CA PRO B 116 -40.00 -15.06 -11.77
C PRO B 116 -39.95 -14.23 -10.49
N ILE B 117 -39.69 -12.93 -10.63
CA ILE B 117 -39.59 -12.02 -9.49
C ILE B 117 -40.98 -11.60 -9.01
N GLU B 118 -41.21 -11.74 -7.70
CA GLU B 118 -42.46 -11.36 -7.07
C GLU B 118 -42.26 -10.25 -6.03
N LYS B 119 -43.01 -9.16 -6.20
CA LYS B 119 -42.99 -8.05 -5.25
C LYS B 119 -44.40 -7.78 -4.74
N THR B 120 -44.50 -7.36 -3.48
CA THR B 120 -45.80 -7.19 -2.84
C THR B 120 -45.87 -5.98 -1.92
N ILE B 121 -46.88 -5.14 -2.11
CA ILE B 121 -47.17 -4.01 -1.22
C ILE B 121 -48.65 -3.93 -0.86
N SER B 122 -48.93 -3.37 0.32
CA SER B 122 -50.30 -3.13 0.79
C SER B 122 -50.34 -1.91 1.72
N LYS B 123 -51.54 -1.44 2.01
CA LYS B 123 -51.75 -0.32 2.93
C LYS B 123 -51.16 -0.62 4.31
N ALA B 124 -50.52 0.40 4.91
CA ALA B 124 -49.89 0.25 6.22
C ALA B 124 -50.87 -0.24 7.30
N LYS B 125 -50.44 -1.21 8.08
CA LYS B 125 -51.29 -1.82 9.12
C LYS B 125 -51.28 -0.98 10.39
N GLY B 126 -52.29 -1.21 11.23
CA GLY B 126 -52.39 -0.54 12.52
C GLY B 126 -53.70 0.19 12.75
N GLN B 127 -53.88 0.66 13.98
CA GLN B 127 -55.05 1.43 14.39
C GLN B 127 -55.15 2.76 13.63
N PRO B 128 -56.20 2.92 12.79
CA PRO B 128 -56.40 4.20 12.11
C PRO B 128 -56.86 5.29 13.07
N ARG B 129 -56.18 6.43 13.06
CA ARG B 129 -56.52 7.55 13.92
C ARG B 129 -56.91 8.78 13.11
N GLU B 130 -58.05 9.37 13.47
CA GLU B 130 -58.59 10.55 12.80
C GLU B 130 -57.72 11.78 13.06
N PRO B 131 -57.40 12.54 11.99
CA PRO B 131 -56.60 13.77 12.16
C PRO B 131 -57.38 14.93 12.77
N GLN B 132 -56.69 15.74 13.56
CA GLN B 132 -57.27 16.96 14.12
C GLN B 132 -56.74 18.14 13.32
N VAL B 133 -57.65 18.92 12.75
CA VAL B 133 -57.27 20.06 11.92
C VAL B 133 -57.33 21.34 12.73
N CYS B 134 -56.18 22.01 12.81
CA CYS B 134 -56.03 23.18 13.66
C CYS B 134 -55.45 24.35 12.89
N THR B 135 -56.27 25.37 12.67
CA THR B 135 -55.87 26.56 11.94
C THR B 135 -55.18 27.53 12.89
N LEU B 136 -54.08 28.11 12.42
CA LEU B 136 -53.35 29.10 13.20
C LEU B 136 -53.24 30.40 12.40
N PRO B 137 -53.77 31.51 12.95
CA PRO B 137 -53.68 32.82 12.30
C PRO B 137 -52.22 33.28 12.25
N PRO B 138 -51.89 34.22 11.35
CA PRO B 138 -50.50 34.63 11.22
C PRO B 138 -50.02 35.40 12.45
N SER B 139 -48.74 35.26 12.76
CA SER B 139 -48.12 35.95 13.89
C SER B 139 -48.15 37.47 13.70
N ARG B 140 -48.50 38.18 14.76
CA ARG B 140 -48.49 39.64 14.76
C ARG B 140 -47.08 40.14 14.43
N ASP B 141 -46.08 39.39 14.88
CA ASP B 141 -44.67 39.70 14.65
C ASP B 141 -44.23 39.45 13.20
N GLU B 142 -45.18 39.02 12.36
CA GLU B 142 -44.96 38.89 10.92
C GLU B 142 -45.96 39.74 10.13
N LEU B 143 -47.05 40.14 10.79
CA LEU B 143 -48.12 40.94 10.15
C LEU B 143 -47.62 42.22 9.48
N THR B 144 -46.49 42.74 9.94
CA THR B 144 -45.88 43.93 9.36
C THR B 144 -44.81 43.58 8.32
N LYS B 145 -45.17 42.67 7.40
CA LYS B 145 -44.31 42.31 6.26
C LYS B 145 -45.12 42.24 4.97
N ASN B 146 -44.42 42.31 3.84
CA ASN B 146 -45.03 42.33 2.49
C ASN B 146 -46.07 41.22 2.28
N GLN B 147 -45.69 39.99 2.59
CA GLN B 147 -46.57 38.83 2.49
C GLN B 147 -46.70 38.11 3.83
N VAL B 148 -47.90 37.62 4.11
CA VAL B 148 -48.21 36.95 5.36
C VAL B 148 -48.36 35.44 5.14
N SER B 149 -48.04 34.65 6.17
CA SER B 149 -48.18 33.20 6.07
C SER B 149 -49.21 32.65 7.06
N LEU B 150 -50.12 31.83 6.55
CA LEU B 150 -51.15 31.18 7.37
C LEU B 150 -50.74 29.74 7.62
N TRP B 151 -51.11 29.21 8.79
CA TRP B 151 -50.63 27.90 9.22
C TRP B 151 -51.76 26.92 9.49
N CYS B 152 -51.47 25.65 9.22
CA CYS B 152 -52.41 24.56 9.49
C CYS B 152 -51.70 23.41 10.19
N LEU B 153 -52.03 23.20 11.46
CA LEU B 153 -51.53 22.08 12.23
C LEU B 153 -52.48 20.89 12.10
N VAL B 154 -52.06 19.88 11.35
CA VAL B 154 -52.80 18.63 11.25
C VAL B 154 -52.06 17.60 12.09
N LYS B 155 -52.75 17.02 13.07
CA LYS B 155 -52.09 16.18 14.09
C LYS B 155 -52.96 15.03 14.57
N GLY B 156 -52.30 14.03 15.17
CA GLY B 156 -52.97 12.89 15.77
C GLY B 156 -53.55 11.90 14.78
N PHE B 157 -52.95 11.81 13.59
CA PHE B 157 -53.44 10.89 12.57
C PHE B 157 -52.53 9.67 12.35
N TYR B 158 -53.16 8.55 11.99
CA TYR B 158 -52.45 7.33 11.60
C TYR B 158 -53.26 6.59 10.54
N PRO B 159 -52.62 6.12 9.46
CA PRO B 159 -51.19 6.17 9.12
C PRO B 159 -50.77 7.53 8.57
N SER B 160 -49.49 7.64 8.19
CA SER B 160 -48.95 8.89 7.66
C SER B 160 -49.55 9.31 6.32
N ASP B 161 -50.25 8.39 5.65
CA ASP B 161 -50.88 8.65 4.36
C ASP B 161 -51.90 9.79 4.48
N ILE B 162 -51.61 10.90 3.82
CA ILE B 162 -52.44 12.10 3.94
C ILE B 162 -52.29 13.04 2.74
N ALA B 163 -53.31 13.88 2.52
CA ALA B 163 -53.23 14.95 1.54
C ALA B 163 -53.83 16.24 2.11
N VAL B 164 -53.01 17.29 2.13
CA VAL B 164 -53.40 18.60 2.66
C VAL B 164 -53.38 19.64 1.52
N GLU B 165 -54.46 20.42 1.44
CA GLU B 165 -54.59 21.45 0.41
C GLU B 165 -55.21 22.72 0.99
N TRP B 166 -55.02 23.84 0.29
CA TRP B 166 -55.57 25.11 0.70
C TRP B 166 -56.51 25.69 -0.37
N GLU B 167 -57.50 26.44 0.08
CA GLU B 167 -58.34 27.18 -0.84
C GLU B 167 -58.78 28.53 -0.24
N SER B 168 -59.06 29.49 -1.12
CA SER B 168 -59.60 30.78 -0.72
C SER B 168 -61.01 30.93 -1.26
N ASN B 169 -61.95 31.18 -0.35
CA ASN B 169 -63.39 31.19 -0.65
C ASN B 169 -63.82 29.97 -1.48
N GLY B 170 -63.25 28.81 -1.12
CA GLY B 170 -63.59 27.53 -1.74
C GLY B 170 -62.86 27.17 -3.02
N GLN B 171 -61.93 28.01 -3.44
CA GLN B 171 -61.19 27.79 -4.70
C GLN B 171 -59.69 27.60 -4.49
N PRO B 172 -59.12 26.53 -5.08
CA PRO B 172 -57.73 26.10 -4.87
C PRO B 172 -56.70 27.23 -4.82
N GLU B 173 -55.88 27.21 -3.76
CA GLU B 173 -54.73 28.10 -3.62
C GLU B 173 -53.44 27.32 -3.90
N ASN B 174 -52.53 27.92 -4.65
CA ASN B 174 -51.30 27.26 -5.10
C ASN B 174 -50.11 27.41 -4.16
N ASN B 175 -49.92 28.62 -3.63
CA ASN B 175 -48.68 28.99 -2.95
C ASN B 175 -48.55 28.46 -1.52
N TYR B 176 -48.42 27.14 -1.39
CA TYR B 176 -48.26 26.52 -0.07
C TYR B 176 -47.16 25.44 -0.05
N LYS B 177 -46.61 25.22 1.14
CA LYS B 177 -45.66 24.14 1.37
C LYS B 177 -46.05 23.39 2.64
N THR B 178 -45.91 22.08 2.61
CA THR B 178 -46.27 21.23 3.74
C THR B 178 -45.08 20.40 4.21
N THR B 179 -44.93 20.31 5.53
CA THR B 179 -43.91 19.44 6.12
C THR B 179 -44.35 17.99 5.94
N PRO B 180 -43.39 17.07 5.76
CA PRO B 180 -43.74 15.64 5.75
C PRO B 180 -44.30 15.20 7.11
N PRO B 181 -45.06 14.10 7.16
CA PRO B 181 -45.59 13.66 8.45
C PRO B 181 -44.48 13.37 9.44
N VAL B 182 -44.66 13.80 10.68
CA VAL B 182 -43.67 13.61 11.73
C VAL B 182 -44.25 12.73 12.83
N LEU B 183 -43.46 11.78 13.31
CA LEU B 183 -43.91 10.83 14.33
C LEU B 183 -43.96 11.48 15.71
N ASP B 184 -45.14 11.46 16.31
CA ASP B 184 -45.37 12.07 17.61
C ASP B 184 -45.19 11.06 18.75
N SER B 185 -45.04 11.58 19.97
CA SER B 185 -44.78 10.76 21.16
C SER B 185 -45.81 9.65 21.41
N ASP B 186 -47.05 9.87 20.99
CA ASP B 186 -48.12 8.89 21.18
C ASP B 186 -48.22 7.87 20.04
N GLY B 187 -47.31 7.94 19.08
CA GLY B 187 -47.31 7.03 17.94
C GLY B 187 -48.05 7.55 16.71
N SER B 188 -48.88 8.57 16.90
CA SER B 188 -49.61 9.21 15.79
C SER B 188 -48.70 10.19 15.06
N PHE B 189 -49.14 10.65 13.90
CA PHE B 189 -48.38 11.60 13.09
C PHE B 189 -48.97 13.00 13.14
N PHE B 190 -48.11 14.00 12.93
CA PHE B 190 -48.54 15.38 12.78
C PHE B 190 -47.74 16.06 11.66
N LEU B 191 -48.28 17.14 11.11
CA LEU B 191 -47.56 17.96 10.14
C LEU B 191 -47.98 19.42 10.21
N TYR B 192 -47.23 20.25 9.50
CA TYR B 192 -47.54 21.66 9.37
C TYR B 192 -47.61 22.06 7.91
N SER B 193 -48.65 22.82 7.56
CA SER B 193 -48.74 23.40 6.24
C SER B 193 -48.73 24.91 6.33
N LYS B 194 -47.89 25.53 5.50
CA LYS B 194 -47.74 26.97 5.43
C LYS B 194 -48.27 27.48 4.10
N LEU B 195 -49.25 28.38 4.15
CA LEU B 195 -49.75 29.06 2.95
C LEU B 195 -49.35 30.54 2.95
N THR B 196 -48.66 30.95 1.89
CA THR B 196 -48.22 32.34 1.74
C THR B 196 -49.27 33.13 0.96
N VAL B 197 -49.76 34.20 1.56
CA VAL B 197 -50.76 35.07 0.92
C VAL B 197 -50.38 36.55 1.03
N ASP B 198 -50.91 37.36 0.11
CA ASP B 198 -50.76 38.81 0.17
C ASP B 198 -51.53 39.34 1.36
N LYS B 199 -50.89 40.21 2.14
CA LYS B 199 -51.49 40.80 3.34
C LYS B 199 -52.84 41.45 3.03
N SER B 200 -52.93 42.08 1.85
CA SER B 200 -54.16 42.72 1.39
C SER B 200 -55.34 41.76 1.30
N ARG B 201 -55.07 40.52 0.87
CA ARG B 201 -56.08 39.49 0.73
C ARG B 201 -56.58 38.99 2.09
N TRP B 202 -55.70 39.05 3.09
CA TRP B 202 -56.04 38.72 4.47
C TRP B 202 -56.84 39.86 5.11
N GLN B 203 -56.47 41.10 4.79
CA GLN B 203 -57.16 42.30 5.30
C GLN B 203 -58.60 42.40 4.78
N GLN B 204 -58.82 41.91 3.55
CA GLN B 204 -60.15 41.92 2.93
C GLN B 204 -61.14 41.00 3.63
N GLY B 205 -60.62 40.10 4.46
CA GLY B 205 -61.46 39.16 5.20
C GLY B 205 -61.89 37.96 4.37
N ASN B 206 -61.09 37.62 3.36
CA ASN B 206 -61.28 36.41 2.57
C ASN B 206 -61.18 35.17 3.44
N VAL B 207 -61.99 34.18 3.13
CA VAL B 207 -62.05 32.97 3.94
C VAL B 207 -61.14 31.88 3.37
N PHE B 208 -59.97 31.76 3.98
CA PHE B 208 -59.04 30.70 3.64
C PHE B 208 -59.39 29.44 4.42
N SER B 209 -59.20 28.29 3.80
CA SER B 209 -59.50 27.03 4.46
C SER B 209 -58.45 25.96 4.18
N CYS B 210 -58.15 25.20 5.23
CA CYS B 210 -57.20 24.11 5.17
C CYS B 210 -57.97 22.81 5.08
N SER B 211 -57.90 22.15 3.92
CA SER B 211 -58.61 20.89 3.71
C SER B 211 -57.67 19.70 3.79
N VAL B 212 -58.14 18.64 4.45
CA VAL B 212 -57.35 17.44 4.70
C VAL B 212 -58.10 16.20 4.20
N MET B 213 -57.36 15.27 3.62
CA MET B 213 -57.91 13.96 3.24
C MET B 213 -57.15 12.82 3.88
N HIS B 214 -57.89 11.98 4.59
CA HIS B 214 -57.34 10.86 5.34
C HIS B 214 -58.40 9.77 5.48
N GLU B 215 -57.96 8.52 5.54
CA GLU B 215 -58.87 7.37 5.59
C GLU B 215 -59.77 7.33 6.83
N ALA B 216 -59.31 7.93 7.92
CA ALA B 216 -60.03 7.89 9.19
C ALA B 216 -61.02 9.04 9.37
N LEU B 217 -61.21 9.84 8.32
CA LEU B 217 -62.19 10.91 8.33
C LEU B 217 -63.50 10.45 7.72
N HIS B 218 -64.61 10.97 8.23
CA HIS B 218 -65.92 10.74 7.62
C HIS B 218 -65.91 11.35 6.22
N ASN B 219 -66.36 10.58 5.23
CA ASN B 219 -66.25 10.94 3.80
C ASN B 219 -64.79 11.19 3.36
N HIS B 220 -63.85 10.66 4.13
CA HIS B 220 -62.41 10.82 3.88
C HIS B 220 -61.95 12.28 3.73
N TYR B 221 -62.79 13.21 4.15
CA TYR B 221 -62.54 14.62 3.90
C TYR B 221 -63.03 15.51 5.04
N THR B 222 -62.18 16.46 5.43
CA THR B 222 -62.60 17.54 6.32
C THR B 222 -61.92 18.86 5.95
N GLN B 223 -62.38 19.95 6.55
CA GLN B 223 -61.97 21.29 6.18
C GLN B 223 -62.06 22.20 7.39
N LYS B 224 -61.23 23.24 7.43
CA LYS B 224 -61.21 24.17 8.56
C LYS B 224 -61.02 25.61 8.11
N SER B 225 -61.93 26.49 8.55
CA SER B 225 -61.98 27.90 8.14
C SER B 225 -60.93 28.76 8.86
N LEU B 226 -60.51 29.84 8.18
CA LEU B 226 -59.59 30.82 8.74
C LEU B 226 -59.76 32.17 8.05
N SER B 227 -60.08 33.21 8.81
CA SER B 227 -60.25 34.57 8.28
C SER B 227 -60.05 35.64 9.37
N LEU B 228 -59.71 36.86 8.95
CA LEU B 228 -59.56 37.99 9.87
C LEU B 228 -60.91 38.47 10.39
N SER B 229 -61.20 38.16 11.65
CA SER B 229 -62.51 38.42 12.26
C SER B 229 -62.64 39.84 12.79
N ASP C 5 19.77 -4.06 -46.09
CA ASP C 5 20.57 -5.28 -45.80
C ASP C 5 19.89 -6.17 -44.75
N LEU C 6 19.78 -5.68 -43.53
CA LEU C 6 19.16 -6.43 -42.45
C LEU C 6 17.77 -5.90 -42.09
N PRO C 7 16.83 -6.81 -41.74
CA PRO C 7 15.46 -6.42 -41.39
C PRO C 7 15.42 -5.55 -40.15
N LYS C 8 14.50 -4.59 -40.12
CA LYS C 8 14.27 -3.76 -38.95
C LYS C 8 13.38 -4.54 -37.98
N ALA C 9 13.91 -4.85 -36.80
CA ALA C 9 13.17 -5.60 -35.79
C ALA C 9 11.90 -4.87 -35.37
N VAL C 10 10.89 -5.63 -34.94
CA VAL C 10 9.61 -5.05 -34.53
C VAL C 10 9.14 -5.64 -33.19
N VAL C 11 8.77 -4.76 -32.26
CA VAL C 11 8.23 -5.19 -30.97
C VAL C 11 6.71 -5.31 -31.07
N PHE C 12 6.20 -6.50 -30.78
CA PHE C 12 4.75 -6.74 -30.70
C PHE C 12 4.37 -6.94 -29.23
N LEU C 13 3.16 -6.53 -28.88
CA LEU C 13 2.64 -6.74 -27.54
C LEU C 13 1.63 -7.88 -27.53
N GLU C 14 1.68 -8.70 -26.47
CA GLU C 14 0.71 -9.75 -26.26
C GLU C 14 0.25 -9.72 -24.79
N PRO C 15 -1.02 -9.36 -24.55
CA PRO C 15 -2.00 -8.89 -25.53
C PRO C 15 -1.64 -7.51 -26.10
N GLN C 16 -2.36 -7.10 -27.15
CA GLN C 16 -1.99 -5.90 -27.93
C GLN C 16 -2.03 -4.56 -27.19
N TRP C 17 -2.62 -4.55 -26.00
CA TRP C 17 -2.90 -3.30 -25.27
C TRP C 17 -1.63 -2.61 -24.75
N TYR C 18 -1.39 -1.38 -25.20
CA TYR C 18 -0.24 -0.61 -24.73
C TYR C 18 -0.54 0.09 -23.41
N ARG C 19 -1.83 0.23 -23.10
CA ARG C 19 -2.27 0.70 -21.80
C ARG C 19 -2.76 -0.51 -20.99
N VAL C 20 -2.18 -0.70 -19.80
CA VAL C 20 -2.57 -1.81 -18.91
C VAL C 20 -2.80 -1.33 -17.48
N LEU C 21 -3.39 -2.20 -16.65
CA LEU C 21 -3.52 -1.95 -15.23
C LEU C 21 -2.46 -2.71 -14.45
N GLU C 22 -2.15 -2.25 -13.24
CA GLU C 22 -1.24 -2.97 -12.35
C GLU C 22 -1.71 -4.41 -12.14
N LYS C 23 -0.76 -5.34 -12.17
CA LYS C 23 -0.98 -6.78 -11.96
C LYS C 23 -1.31 -7.58 -13.23
N ASP C 24 -1.65 -6.89 -14.32
CA ASP C 24 -1.82 -7.55 -15.63
C ASP C 24 -0.49 -8.11 -16.13
N SER C 25 -0.56 -9.16 -16.95
CA SER C 25 0.65 -9.70 -17.57
C SER C 25 0.80 -9.20 -19.00
N VAL C 26 2.03 -8.84 -19.35
CA VAL C 26 2.36 -8.38 -20.71
C VAL C 26 3.58 -9.15 -21.20
N THR C 27 3.45 -9.76 -22.38
CA THR C 27 4.57 -10.41 -23.04
C THR C 27 5.00 -9.55 -24.22
N LEU C 28 6.28 -9.20 -24.24
CA LEU C 28 6.85 -8.44 -25.36
C LEU C 28 7.66 -9.37 -26.25
N LYS C 29 7.24 -9.47 -27.51
CA LYS C 29 7.90 -10.34 -28.49
C LYS C 29 8.70 -9.52 -29.49
N CYS C 30 9.81 -10.09 -29.98
CA CYS C 30 10.69 -9.41 -30.92
C CYS C 30 10.76 -10.15 -32.25
N GLN C 31 10.29 -9.49 -33.32
CA GLN C 31 10.38 -10.04 -34.66
C GLN C 31 11.59 -9.46 -35.40
N GLY C 32 12.65 -10.24 -35.50
CA GLY C 32 13.81 -9.88 -36.28
C GLY C 32 13.73 -10.55 -37.63
N ALA C 33 14.54 -11.58 -37.81
CA ALA C 33 14.40 -12.47 -38.95
C ALA C 33 13.29 -13.47 -38.66
N TYR C 34 12.70 -14.03 -39.70
CA TYR C 34 11.55 -14.93 -39.54
C TYR C 34 11.90 -16.36 -39.09
N SER C 35 13.14 -16.77 -39.34
CA SER C 35 13.61 -18.10 -38.93
C SER C 35 14.05 -18.11 -37.45
N PRO C 36 13.38 -18.94 -36.62
CA PRO C 36 13.74 -19.02 -35.19
C PRO C 36 15.00 -19.86 -34.96
N GLN C 39 17.64 -17.35 -32.15
CA GLN C 39 17.95 -15.98 -32.50
C GLN C 39 18.27 -15.14 -31.26
N SER C 40 19.51 -14.66 -31.19
CA SER C 40 20.00 -13.88 -30.04
C SER C 40 19.30 -12.52 -29.96
N THR C 41 18.42 -12.36 -28.96
CA THR C 41 17.57 -11.17 -28.81
C THR C 41 18.07 -10.27 -27.68
N GLN C 42 17.93 -8.95 -27.88
CA GLN C 42 18.41 -7.95 -26.94
C GLN C 42 17.32 -6.92 -26.66
N TRP C 43 16.99 -6.75 -25.38
CA TRP C 43 15.88 -5.88 -24.97
C TRP C 43 16.33 -4.57 -24.31
N PHE C 44 15.59 -3.51 -24.59
CA PHE C 44 15.85 -2.19 -24.02
C PHE C 44 14.60 -1.61 -23.36
N HIS C 45 14.80 -0.98 -22.21
CA HIS C 45 13.73 -0.31 -21.49
C HIS C 45 14.27 1.01 -20.95
N ASN C 46 13.57 2.10 -21.25
CA ASN C 46 14.03 3.47 -20.95
C ASN C 46 15.48 3.71 -21.40
N GLU C 47 15.76 3.30 -22.64
CA GLU C 47 17.10 3.33 -23.26
C GLU C 47 18.27 2.87 -22.40
N SER C 48 18.09 1.69 -21.81
CA SER C 48 19.15 0.98 -21.10
C SER C 48 18.89 -0.52 -21.12
N LEU C 49 19.92 -1.30 -21.42
CA LEU C 49 19.82 -2.75 -21.67
C LEU C 49 19.29 -3.55 -20.47
N ILE C 50 18.43 -4.53 -20.75
CA ILE C 50 17.98 -5.49 -19.75
C ILE C 50 18.66 -6.83 -20.03
N SER C 51 19.12 -7.49 -18.98
CA SER C 51 19.90 -8.73 -19.09
C SER C 51 19.16 -9.91 -19.77
N SER C 52 17.88 -9.70 -20.09
CA SER C 52 17.08 -10.71 -20.80
C SER C 52 17.53 -10.85 -22.26
N GLN C 53 17.93 -12.07 -22.61
CA GLN C 53 18.42 -12.37 -23.97
C GLN C 53 17.48 -13.28 -24.75
N ALA C 54 16.38 -13.68 -24.11
CA ALA C 54 15.35 -14.49 -24.76
C ALA C 54 14.56 -13.65 -25.75
N SER C 55 13.87 -14.34 -26.67
CA SER C 55 13.05 -13.69 -27.69
C SER C 55 11.87 -12.92 -27.07
N SER C 56 11.35 -13.46 -25.97
CA SER C 56 10.22 -12.85 -25.26
C SER C 56 10.66 -12.23 -23.94
N TYR C 57 10.09 -11.07 -23.62
CA TYR C 57 10.30 -10.43 -22.32
C TYR C 57 9.00 -10.40 -21.55
N PHE C 58 8.85 -11.32 -20.60
CA PHE C 58 7.61 -11.49 -19.86
C PHE C 58 7.55 -10.61 -18.62
N ILE C 59 6.43 -9.89 -18.47
CA ILE C 59 6.12 -9.16 -17.26
C ILE C 59 4.94 -9.87 -16.59
N ASP C 60 5.19 -10.49 -15.44
CA ASP C 60 4.19 -11.30 -14.75
C ASP C 60 3.08 -10.45 -14.16
N ALA C 61 3.46 -9.48 -13.33
CA ALA C 61 2.53 -8.52 -12.75
C ALA C 61 3.09 -7.11 -12.93
N ALA C 62 2.38 -6.30 -13.71
CA ALA C 62 2.84 -4.96 -14.05
C ALA C 62 2.80 -3.99 -12.88
N THR C 63 3.93 -3.31 -12.64
CA THR C 63 3.99 -2.18 -11.72
C THR C 63 4.21 -0.90 -12.52
N VAL C 64 4.14 0.25 -11.85
CA VAL C 64 4.29 1.55 -12.51
C VAL C 64 5.67 1.71 -13.17
N ASP C 65 6.68 1.03 -12.63
CA ASP C 65 8.04 1.07 -13.17
C ASP C 65 8.18 0.42 -14.55
N ASP C 66 7.26 -0.48 -14.88
CA ASP C 66 7.27 -1.16 -16.18
C ASP C 66 6.90 -0.24 -17.35
N SER C 67 6.45 0.97 -17.04
CA SER C 67 6.13 1.98 -18.06
C SER C 67 7.39 2.46 -18.78
N GLY C 68 7.20 3.05 -19.95
CA GLY C 68 8.30 3.66 -20.69
C GLY C 68 8.43 3.15 -22.12
N GLU C 69 9.55 3.48 -22.75
CA GLU C 69 9.83 3.02 -24.11
C GLU C 69 10.45 1.63 -24.07
N TYR C 70 10.16 0.84 -25.10
CA TYR C 70 10.73 -0.50 -25.24
C TYR C 70 11.26 -0.72 -26.65
N ARG C 71 12.49 -1.22 -26.75
CA ARG C 71 13.12 -1.53 -28.02
C ARG C 71 13.72 -2.92 -27.98
N CYS C 72 13.83 -3.55 -29.15
CA CYS C 72 14.46 -4.86 -29.25
C CYS C 72 15.36 -4.97 -30.48
N GLN C 73 16.31 -5.90 -30.40
CA GLN C 73 17.30 -6.11 -31.45
C GLN C 73 17.75 -7.57 -31.43
N THR C 74 17.55 -8.27 -32.54
CA THR C 74 18.12 -9.61 -32.69
C THR C 74 19.41 -9.53 -33.51
N GLN C 75 20.21 -10.59 -33.47
CA GLN C 75 21.48 -10.66 -34.18
C GLN C 75 21.32 -10.44 -35.69
N LEU C 76 20.22 -10.94 -36.24
CA LEU C 76 19.95 -10.83 -37.67
C LEU C 76 18.98 -9.68 -38.02
N SER C 77 19.01 -8.62 -37.20
CA SER C 77 18.13 -7.46 -37.43
C SER C 77 18.70 -6.14 -36.90
N THR C 78 18.11 -5.03 -37.36
CA THR C 78 18.47 -3.70 -36.90
C THR C 78 17.60 -3.29 -35.71
N LEU C 79 18.08 -2.35 -34.89
CA LEU C 79 17.35 -1.84 -33.73
C LEU C 79 15.94 -1.39 -34.08
N SER C 80 14.98 -1.77 -33.24
CA SER C 80 13.55 -1.53 -33.49
C SER C 80 13.13 -0.11 -33.11
N ASP C 81 12.01 0.33 -33.69
CA ASP C 81 11.34 1.55 -33.26
C ASP C 81 10.79 1.35 -31.84
N PRO C 82 10.72 2.43 -31.05
CA PRO C 82 10.26 2.30 -29.66
C PRO C 82 8.78 1.94 -29.56
N VAL C 83 8.41 1.30 -28.44
CA VAL C 83 7.02 0.99 -28.14
C VAL C 83 6.73 1.45 -26.71
N GLN C 84 5.74 2.33 -26.57
CA GLN C 84 5.35 2.86 -25.26
C GLN C 84 4.50 1.84 -24.49
N LEU C 85 4.60 1.90 -23.17
CA LEU C 85 3.73 1.13 -22.28
C LEU C 85 3.26 1.99 -21.12
N GLU C 86 1.96 1.97 -20.87
CA GLU C 86 1.36 2.78 -19.81
C GLU C 86 0.71 1.89 -18.76
N VAL C 87 1.29 1.86 -17.56
CA VAL C 87 0.71 1.11 -16.45
C VAL C 87 -0.12 2.05 -15.57
N HIS C 88 -1.44 1.88 -15.63
CA HIS C 88 -2.40 2.69 -14.87
C HIS C 88 -2.76 2.05 -13.53
N ILE C 89 -3.25 2.88 -12.61
CA ILE C 89 -3.73 2.41 -11.31
C ILE C 89 -5.20 2.78 -11.18
N GLY C 90 -6.04 1.78 -10.90
CA GLY C 90 -7.49 1.99 -10.78
C GLY C 90 -8.28 0.73 -11.01
N TRP C 91 -9.61 0.86 -11.02
CA TRP C 91 -10.50 -0.29 -11.17
C TRP C 91 -10.74 -0.71 -12.62
N LEU C 92 -10.90 0.27 -13.50
CA LEU C 92 -11.31 0.02 -14.89
C LEU C 92 -10.44 0.73 -15.92
N LEU C 93 -10.18 0.04 -17.02
CA LEU C 93 -9.45 0.62 -18.14
C LEU C 93 -10.13 0.26 -19.45
N LEU C 94 -10.51 1.28 -20.23
CA LEU C 94 -11.14 1.09 -21.53
C LEU C 94 -10.08 0.87 -22.59
N GLN C 95 -10.00 -0.36 -23.08
CA GLN C 95 -8.97 -0.73 -24.07
C GLN C 95 -9.55 -0.90 -25.46
N ALA C 96 -8.71 -0.68 -26.47
CA ALA C 96 -9.07 -0.84 -27.87
C ALA C 96 -7.82 -1.20 -28.68
N PRO C 97 -8.01 -1.81 -29.87
CA PRO C 97 -6.85 -2.11 -30.70
C PRO C 97 -6.21 -0.81 -31.23
N ARG C 98 -7.06 0.12 -31.64
CA ARG C 98 -6.64 1.43 -32.08
C ARG C 98 -7.66 2.47 -31.60
N TRP C 99 -7.35 3.75 -31.76
CA TRP C 99 -8.26 4.81 -31.35
C TRP C 99 -8.62 5.76 -32.51
N VAL C 100 -8.05 5.49 -33.68
CA VAL C 100 -8.35 6.25 -34.89
C VAL C 100 -9.01 5.30 -35.90
N PHE C 101 -10.24 5.63 -36.30
CA PHE C 101 -11.01 4.75 -37.17
C PHE C 101 -11.45 5.46 -38.44
N LYS C 102 -11.33 4.76 -39.57
CA LYS C 102 -11.84 5.26 -40.84
C LYS C 102 -13.34 4.94 -40.89
N GLU C 103 -14.11 5.75 -41.62
CA GLU C 103 -15.55 5.51 -41.76
C GLU C 103 -15.84 4.09 -42.24
N GLU C 104 -16.84 3.46 -41.62
CA GLU C 104 -17.29 2.10 -41.96
C GLU C 104 -16.38 0.97 -41.45
N ASP C 105 -15.34 1.32 -40.69
CA ASP C 105 -14.51 0.33 -39.98
C ASP C 105 -15.23 -0.14 -38.71
N PRO C 106 -14.90 -1.36 -38.24
CA PRO C 106 -15.44 -1.79 -36.94
C PRO C 106 -14.73 -1.13 -35.75
N ILE C 107 -15.52 -0.66 -34.79
CA ILE C 107 -14.99 -0.18 -33.50
C ILE C 107 -15.27 -1.23 -32.42
N HIS C 108 -14.21 -1.80 -31.88
CA HIS C 108 -14.30 -2.89 -30.92
C HIS C 108 -13.56 -2.50 -29.64
N LEU C 109 -14.32 -2.29 -28.56
CA LEU C 109 -13.76 -1.85 -27.27
C LEU C 109 -14.03 -2.88 -26.18
N ARG C 110 -13.14 -2.94 -25.20
CA ARG C 110 -13.35 -3.74 -24.00
C ARG C 110 -13.22 -2.88 -22.73
N CYS C 111 -14.01 -3.23 -21.72
CA CYS C 111 -13.93 -2.58 -20.42
C CYS C 111 -13.23 -3.53 -19.46
N HIS C 112 -11.91 -3.40 -19.37
CA HIS C 112 -11.10 -4.32 -18.58
C HIS C 112 -11.01 -3.92 -17.11
N SER C 113 -11.21 -4.89 -16.23
CA SER C 113 -11.19 -4.66 -14.79
C SER C 113 -9.86 -5.07 -14.16
N TRP C 114 -9.53 -4.44 -13.04
CA TRP C 114 -8.30 -4.73 -12.28
C TRP C 114 -8.33 -6.14 -11.71
N LYS C 115 -7.25 -6.89 -11.94
CA LYS C 115 -7.12 -8.31 -11.54
C LYS C 115 -8.17 -9.21 -12.20
N ASN C 116 -8.82 -8.71 -13.25
CA ASN C 116 -9.94 -9.40 -13.90
C ASN C 116 -11.10 -9.68 -12.93
N THR C 117 -11.38 -8.71 -12.07
CA THR C 117 -12.50 -8.80 -11.14
C THR C 117 -13.83 -8.78 -11.89
N ALA C 118 -14.71 -9.73 -11.55
CA ALA C 118 -16.03 -9.79 -12.16
C ALA C 118 -16.73 -8.43 -12.06
N LEU C 119 -17.17 -7.93 -13.21
CA LEU C 119 -17.82 -6.64 -13.30
C LEU C 119 -19.19 -6.82 -13.92
N HIS C 120 -20.22 -6.28 -13.26
CA HIS C 120 -21.59 -6.40 -13.76
C HIS C 120 -22.30 -5.05 -13.84
N LYS C 121 -23.33 -4.99 -14.70
CA LYS C 121 -24.05 -3.75 -15.04
C LYS C 121 -23.11 -2.73 -15.69
N VAL C 122 -22.56 -3.13 -16.83
CA VAL C 122 -21.58 -2.34 -17.56
C VAL C 122 -22.25 -1.38 -18.54
N THR C 123 -21.81 -0.13 -18.52
CA THR C 123 -22.29 0.88 -19.46
C THR C 123 -21.11 1.50 -20.20
N TYR C 124 -21.24 1.61 -21.51
CA TYR C 124 -20.29 2.36 -22.31
C TYR C 124 -20.92 3.70 -22.66
N LEU C 125 -20.19 4.78 -22.40
CA LEU C 125 -20.73 6.12 -22.57
C LEU C 125 -19.94 6.94 -23.58
N GLN C 126 -20.67 7.68 -24.41
CA GLN C 126 -20.10 8.63 -25.36
C GLN C 126 -20.55 10.05 -24.99
N ASN C 127 -19.58 10.93 -24.76
CA ASN C 127 -19.83 12.33 -24.41
C ASN C 127 -20.85 12.51 -23.27
N GLY C 128 -20.81 11.61 -22.28
CA GLY C 128 -21.71 11.69 -21.13
C GLY C 128 -22.98 10.86 -21.26
N LYS C 129 -23.38 10.57 -22.50
CA LYS C 129 -24.55 9.73 -22.77
C LYS C 129 -24.15 8.27 -22.90
N GLY C 130 -24.98 7.37 -22.39
CA GLY C 130 -24.76 5.94 -22.54
C GLY C 130 -25.02 5.49 -23.97
N ARG C 131 -24.20 4.58 -24.46
CA ARG C 131 -24.36 3.99 -25.79
C ARG C 131 -24.93 2.58 -25.71
N LYS C 132 -24.44 1.80 -24.74
CA LYS C 132 -24.80 0.39 -24.60
C LYS C 132 -24.69 -0.09 -23.16
N TYR C 133 -25.68 -0.87 -22.73
CA TYR C 133 -25.71 -1.46 -21.39
C TYR C 133 -25.77 -2.99 -21.45
N PHE C 134 -24.92 -3.64 -20.65
CA PHE C 134 -24.92 -5.09 -20.51
C PHE C 134 -25.15 -5.46 -19.05
N HIS C 135 -25.76 -6.62 -18.82
CA HIS C 135 -25.92 -7.15 -17.46
C HIS C 135 -24.57 -7.62 -16.91
N HIS C 136 -23.83 -8.36 -17.73
CA HIS C 136 -22.48 -8.81 -17.41
C HIS C 136 -21.48 -8.04 -18.27
N ASN C 137 -20.22 -8.00 -17.86
CA ASN C 137 -19.19 -7.31 -18.65
C ASN C 137 -19.07 -7.91 -20.03
N SER C 138 -19.16 -7.05 -21.05
CA SER C 138 -19.13 -7.48 -22.45
C SER C 138 -18.46 -6.42 -23.29
N ASP C 139 -17.81 -6.86 -24.37
CA ASP C 139 -17.17 -5.94 -25.32
C ASP C 139 -18.20 -5.03 -25.99
N PHE C 140 -17.81 -3.78 -26.17
CA PHE C 140 -18.60 -2.81 -26.94
C PHE C 140 -18.21 -2.94 -28.40
N TYR C 141 -19.21 -3.00 -29.28
CA TYR C 141 -18.93 -3.21 -30.70
C TYR C 141 -19.84 -2.42 -31.61
N ILE C 142 -19.23 -1.65 -32.51
CA ILE C 142 -19.92 -0.97 -33.59
C ILE C 142 -19.40 -1.56 -34.90
N PRO C 143 -20.27 -2.22 -35.68
CA PRO C 143 -19.87 -2.82 -36.96
C PRO C 143 -19.41 -1.79 -38.00
N LYS C 144 -20.23 -0.76 -38.21
CA LYS C 144 -19.94 0.28 -39.20
C LYS C 144 -19.80 1.64 -38.52
N ALA C 145 -18.59 2.18 -38.54
CA ALA C 145 -18.33 3.48 -37.93
C ALA C 145 -18.90 4.64 -38.76
N THR C 146 -19.48 5.62 -38.07
CA THR C 146 -19.90 6.88 -38.68
C THR C 146 -19.21 8.05 -37.98
N LEU C 147 -19.43 9.26 -38.50
CA LEU C 147 -18.84 10.47 -37.91
C LEU C 147 -19.46 10.83 -36.57
N LYS C 148 -20.69 10.36 -36.34
CA LYS C 148 -21.40 10.61 -35.09
C LYS C 148 -20.83 9.76 -33.95
N ASP C 149 -20.12 8.68 -34.31
CA ASP C 149 -19.47 7.80 -33.34
C ASP C 149 -18.20 8.42 -32.73
N SER C 150 -17.84 9.62 -33.18
CA SER C 150 -16.65 10.32 -32.69
C SER C 150 -16.90 10.97 -31.32
N GLY C 151 -15.86 11.03 -30.49
CA GLY C 151 -15.96 11.71 -29.20
C GLY C 151 -15.24 11.05 -28.04
N SER C 152 -15.71 11.37 -26.83
CA SER C 152 -15.08 10.96 -25.59
C SER C 152 -15.81 9.77 -24.97
N TYR C 153 -15.06 8.71 -24.68
CA TYR C 153 -15.63 7.45 -24.24
C TYR C 153 -15.05 6.99 -22.91
N PHE C 154 -15.94 6.49 -22.05
CA PHE C 154 -15.53 5.77 -20.83
C PHE C 154 -16.54 4.69 -20.50
N CYS C 155 -16.12 3.71 -19.73
CA CYS C 155 -17.01 2.65 -19.27
C CYS C 155 -17.10 2.63 -17.75
N ARG C 156 -18.27 2.21 -17.26
CA ARG C 156 -18.48 2.03 -15.82
C ARG C 156 -19.27 0.76 -15.52
N GLY C 157 -19.35 0.43 -14.22
CA GLY C 157 -20.09 -0.75 -13.78
C GLY C 157 -19.91 -1.02 -12.29
N LEU C 158 -20.59 -2.05 -11.80
CA LEU C 158 -20.52 -2.43 -10.40
C LEU C 158 -19.53 -3.57 -10.19
N VAL C 159 -18.55 -3.34 -9.32
CA VAL C 159 -17.67 -4.41 -8.84
C VAL C 159 -18.22 -4.81 -7.46
N GLY C 160 -18.92 -5.93 -7.43
CA GLY C 160 -19.73 -6.29 -6.28
C GLY C 160 -20.84 -5.26 -6.18
N SER C 161 -20.77 -4.44 -5.13
CA SER C 161 -21.75 -3.37 -4.93
C SER C 161 -21.16 -2.00 -5.23
N LYS C 162 -19.83 -1.92 -5.32
CA LYS C 162 -19.13 -0.65 -5.54
C LYS C 162 -19.25 -0.16 -6.99
N ASN C 163 -19.64 1.09 -7.15
CA ASN C 163 -19.78 1.73 -8.45
C ASN C 163 -18.46 2.35 -8.89
N VAL C 164 -17.86 1.78 -9.94
CA VAL C 164 -16.55 2.21 -10.44
C VAL C 164 -16.56 2.59 -11.92
N SER C 165 -15.60 3.41 -12.33
CA SER C 165 -15.54 3.93 -13.70
C SER C 165 -14.11 4.14 -14.21
N SER C 166 -13.95 4.06 -15.52
CA SER C 166 -12.64 4.22 -16.15
C SER C 166 -12.42 5.68 -16.54
N GLU C 167 -11.16 6.03 -16.79
CA GLU C 167 -10.81 7.33 -17.37
C GLU C 167 -11.30 7.38 -18.82
N THR C 168 -11.60 8.58 -19.28
CA THR C 168 -12.12 8.77 -20.64
C THR C 168 -10.99 8.65 -21.66
N VAL C 169 -11.31 8.06 -22.80
CA VAL C 169 -10.39 7.99 -23.93
C VAL C 169 -11.09 8.61 -25.13
N GLN C 170 -10.32 9.29 -25.98
CA GLN C 170 -10.88 9.99 -27.15
C GLN C 170 -10.85 9.10 -28.40
N ILE C 171 -12.00 8.98 -29.06
CA ILE C 171 -12.11 8.23 -30.31
C ILE C 171 -12.46 9.18 -31.45
N THR C 172 -11.61 9.22 -32.47
CA THR C 172 -11.83 10.08 -33.63
C THR C 172 -12.13 9.26 -34.89
N ILE C 173 -13.00 9.80 -35.73
CA ILE C 173 -13.39 9.17 -36.99
C ILE C 173 -12.98 10.03 -38.19
N THR C 174 -12.02 9.55 -38.96
CA THR C 174 -11.52 10.25 -40.15
C THR C 174 -12.34 9.88 -41.39
N GLN C 175 -12.46 10.84 -42.32
CA GLN C 175 -13.28 10.67 -43.52
C GLN C 175 -12.63 9.84 -44.63
N GLU D 18 28.70 -11.14 25.47
CA GLU D 18 29.30 -11.27 24.11
C GLU D 18 28.36 -11.96 23.11
N LEU D 19 27.29 -12.57 23.62
CA LEU D 19 26.25 -13.17 22.79
C LEU D 19 24.93 -12.40 22.94
N LEU D 20 25.04 -11.10 23.22
CA LEU D 20 23.87 -10.26 23.49
C LEU D 20 22.88 -10.18 22.33
N GLY D 21 23.39 -10.25 21.10
CA GLY D 21 22.57 -10.12 19.90
C GLY D 21 21.79 -11.37 19.52
N GLY D 22 21.97 -12.44 20.28
CA GLY D 22 21.31 -13.72 20.01
C GLY D 22 21.79 -14.44 18.76
N PRO D 23 21.17 -15.58 18.42
CA PRO D 23 21.58 -16.41 17.29
C PRO D 23 21.50 -15.73 15.93
N SER D 24 22.14 -16.33 14.93
CA SER D 24 22.11 -15.83 13.56
C SER D 24 21.79 -16.96 12.59
N VAL D 25 21.18 -16.60 11.46
CA VAL D 25 20.66 -17.57 10.50
C VAL D 25 21.40 -17.48 9.16
N PHE D 26 21.79 -18.65 8.64
CA PHE D 26 22.37 -18.74 7.29
C PHE D 26 21.67 -19.81 6.48
N LEU D 27 21.36 -19.47 5.24
CA LEU D 27 20.57 -20.35 4.37
C LEU D 27 21.33 -20.69 3.09
N PHE D 28 21.57 -21.98 2.89
CA PHE D 28 22.40 -22.46 1.79
C PHE D 28 21.60 -23.19 0.70
N PRO D 29 21.88 -22.87 -0.57
CA PRO D 29 21.25 -23.55 -1.71
C PRO D 29 21.74 -24.99 -1.87
N PRO D 30 21.00 -25.82 -2.63
CA PRO D 30 21.50 -27.16 -2.96
C PRO D 30 22.71 -27.10 -3.90
N LYS D 31 23.45 -28.20 -3.97
CA LYS D 31 24.61 -28.30 -4.86
C LYS D 31 24.12 -28.26 -6.32
N PRO D 32 24.88 -27.60 -7.21
CA PRO D 32 24.50 -27.50 -8.62
C PRO D 32 24.22 -28.87 -9.25
N LYS D 33 25.03 -29.86 -8.91
CA LYS D 33 24.86 -31.23 -9.41
C LYS D 33 23.55 -31.85 -8.94
N ASP D 34 23.21 -31.65 -7.67
CA ASP D 34 22.07 -32.32 -7.04
C ASP D 34 20.72 -31.95 -7.65
N THR D 35 20.64 -30.76 -8.24
CA THR D 35 19.39 -30.25 -8.84
C THR D 35 19.16 -30.78 -10.25
N LEU D 36 20.21 -31.30 -10.89
CA LEU D 36 20.17 -31.67 -12.30
C LEU D 36 20.03 -33.17 -12.56
N MET D 37 20.45 -33.98 -11.60
CA MET D 37 20.37 -35.44 -11.72
C MET D 37 19.19 -36.01 -10.96
N ILE D 38 18.37 -36.78 -11.66
CA ILE D 38 17.14 -37.36 -11.09
C ILE D 38 17.47 -38.39 -10.00
N SER D 39 18.65 -39.01 -10.11
CA SER D 39 19.12 -40.00 -9.15
C SER D 39 19.64 -39.41 -7.84
N ARG D 40 19.69 -38.08 -7.78
CA ARG D 40 20.15 -37.37 -6.57
C ARG D 40 19.01 -36.66 -5.84
N THR D 41 19.24 -36.33 -4.57
CA THR D 41 18.28 -35.54 -3.80
C THR D 41 18.89 -34.22 -3.34
N PRO D 42 18.37 -33.09 -3.86
CA PRO D 42 18.87 -31.76 -3.52
C PRO D 42 18.27 -31.24 -2.21
N GLU D 43 19.13 -30.65 -1.38
CA GLU D 43 18.72 -30.16 -0.07
C GLU D 43 19.00 -28.67 0.12
N VAL D 44 17.99 -27.97 0.65
CA VAL D 44 18.17 -26.60 1.13
C VAL D 44 18.48 -26.66 2.63
N THR D 45 19.51 -25.94 3.05
CA THR D 45 20.03 -26.06 4.42
C THR D 45 19.97 -24.74 5.20
N CYS D 46 19.36 -24.81 6.39
CA CYS D 46 19.24 -23.66 7.29
C CYS D 46 20.12 -23.83 8.52
N VAL D 47 21.19 -23.05 8.59
CA VAL D 47 22.16 -23.15 9.70
C VAL D 47 21.96 -22.00 10.68
N VAL D 48 21.79 -22.34 11.95
CA VAL D 48 21.64 -21.36 13.02
C VAL D 48 22.85 -21.41 13.97
N VAL D 49 23.57 -20.30 14.04
CA VAL D 49 24.76 -20.19 14.88
C VAL D 49 24.48 -19.34 16.12
N ASP D 50 25.41 -19.39 17.09
CA ASP D 50 25.35 -18.57 18.31
C ASP D 50 24.14 -18.83 19.21
N VAL D 51 23.68 -20.09 19.23
CA VAL D 51 22.61 -20.50 20.14
C VAL D 51 23.21 -20.75 21.53
N SER D 52 22.70 -20.03 22.52
CA SER D 52 23.23 -20.07 23.88
C SER D 52 22.78 -21.31 24.63
N HIS D 53 23.49 -21.63 25.72
CA HIS D 53 23.10 -22.69 26.63
C HIS D 53 21.88 -22.28 27.46
N GLU D 54 21.80 -20.99 27.79
CA GLU D 54 20.72 -20.43 28.60
C GLU D 54 19.34 -20.57 27.96
N GLU D 55 19.29 -20.34 26.64
CA GLU D 55 18.06 -20.50 25.86
C GLU D 55 18.36 -21.30 24.58
N PRO D 56 18.36 -22.64 24.69
CA PRO D 56 18.83 -23.53 23.62
C PRO D 56 17.77 -23.99 22.60
N GLU D 57 16.49 -23.88 22.95
CA GLU D 57 15.40 -24.34 22.09
C GLU D 57 15.25 -23.51 20.81
N VAL D 58 15.31 -24.19 19.67
CA VAL D 58 15.18 -23.55 18.36
C VAL D 58 14.04 -24.19 17.57
N LYS D 59 13.14 -23.37 17.04
CA LYS D 59 12.03 -23.86 16.20
C LYS D 59 12.14 -23.38 14.75
N PHE D 60 12.09 -24.33 13.82
CA PHE D 60 12.19 -24.03 12.39
C PHE D 60 10.83 -24.03 11.69
N ASN D 61 10.57 -22.98 10.93
CA ASN D 61 9.41 -22.96 10.02
C ASN D 61 9.87 -22.82 8.57
N TRP D 62 9.32 -23.66 7.70
CA TRP D 62 9.71 -23.66 6.29
C TRP D 62 8.56 -23.27 5.37
N TYR D 63 8.90 -22.52 4.32
CA TYR D 63 7.91 -22.03 3.36
C TYR D 63 8.40 -22.15 1.92
N VAL D 64 7.55 -22.71 1.06
CA VAL D 64 7.81 -22.77 -0.37
C VAL D 64 6.78 -21.90 -1.08
N ASP D 65 7.21 -20.73 -1.53
CA ASP D 65 6.34 -19.71 -2.11
C ASP D 65 5.19 -19.33 -1.17
N GLY D 66 5.53 -19.01 0.07
CA GLY D 66 4.55 -18.64 1.08
C GLY D 66 3.90 -19.81 1.79
N VAL D 67 3.69 -20.92 1.07
CA VAL D 67 3.00 -22.10 1.62
C VAL D 67 3.92 -22.88 2.55
N GLU D 68 3.44 -23.12 3.77
CA GLU D 68 4.21 -23.81 4.80
C GLU D 68 4.28 -25.31 4.54
N VAL D 69 5.50 -25.85 4.52
CA VAL D 69 5.73 -27.29 4.37
C VAL D 69 6.23 -27.89 5.68
N HIS D 70 6.15 -29.21 5.79
CA HIS D 70 6.44 -29.90 7.06
C HIS D 70 7.37 -31.10 6.94
N ASN D 71 7.89 -31.35 5.73
CA ASN D 71 8.75 -32.52 5.49
C ASN D 71 10.22 -32.31 5.90
N ALA D 72 10.54 -31.13 6.43
CA ALA D 72 11.89 -30.79 6.84
C ALA D 72 12.35 -31.60 8.05
N LYS D 73 13.64 -31.91 8.09
CA LYS D 73 14.24 -32.70 9.17
C LYS D 73 15.31 -31.88 9.89
N THR D 74 15.30 -31.95 11.22
CA THR D 74 16.27 -31.22 12.05
C THR D 74 17.37 -32.16 12.55
N LYS D 75 18.62 -31.82 12.22
CA LYS D 75 19.79 -32.57 12.65
C LYS D 75 20.08 -32.32 14.13
N PRO D 76 20.61 -33.33 14.86
CA PRO D 76 20.92 -33.16 16.29
C PRO D 76 21.96 -32.07 16.51
N ARG D 77 21.71 -31.19 17.46
CA ARG D 77 22.55 -30.02 17.72
C ARG D 77 24.00 -30.38 18.02
N GLU D 78 24.92 -29.56 17.50
CA GLU D 78 26.34 -29.74 17.74
C GLU D 78 26.92 -28.50 18.41
N GLU D 79 27.57 -28.70 19.56
CA GLU D 79 28.18 -27.61 20.31
C GLU D 79 29.56 -27.29 19.77
N GLN D 80 29.77 -26.04 19.42
CA GLN D 80 31.07 -25.58 18.93
C GLN D 80 32.00 -25.28 20.10
N TYR D 81 33.28 -25.04 19.81
CA TYR D 81 34.28 -24.87 20.86
C TYR D 81 34.26 -23.50 21.55
N ASN D 82 33.43 -22.58 21.03
CA ASN D 82 33.13 -21.33 21.72
C ASN D 82 31.91 -21.50 22.63
N SER D 83 31.63 -22.76 22.96
CA SER D 83 30.48 -23.19 23.77
C SER D 83 29.13 -22.58 23.38
N THR D 84 28.90 -22.50 22.07
CA THR D 84 27.59 -22.15 21.52
C THR D 84 27.09 -23.36 20.71
N TYR D 85 25.81 -23.36 20.38
CA TYR D 85 25.22 -24.47 19.61
C TYR D 85 25.00 -24.14 18.14
N ARG D 86 25.25 -25.13 17.29
CA ARG D 86 24.96 -25.04 15.86
C ARG D 86 23.79 -25.97 15.57
N VAL D 87 22.69 -25.40 15.09
CA VAL D 87 21.48 -26.17 14.80
C VAL D 87 21.14 -26.08 13.32
N VAL D 88 20.99 -27.23 12.69
CA VAL D 88 20.82 -27.34 11.25
C VAL D 88 19.47 -27.97 10.90
N SER D 89 18.72 -27.31 10.02
CA SER D 89 17.51 -27.90 9.48
C SER D 89 17.67 -28.12 8.00
N VAL D 90 17.24 -29.29 7.53
CA VAL D 90 17.43 -29.70 6.14
C VAL D 90 16.08 -29.98 5.47
N LEU D 91 15.82 -29.26 4.39
CA LEU D 91 14.61 -29.48 3.59
C LEU D 91 14.98 -30.07 2.23
N THR D 92 14.56 -31.31 1.99
CA THR D 92 14.77 -31.96 0.70
C THR D 92 13.77 -31.39 -0.30
N VAL D 93 14.29 -30.88 -1.42
CA VAL D 93 13.46 -30.21 -2.41
C VAL D 93 13.23 -31.07 -3.66
N LEU D 94 12.27 -30.65 -4.48
CA LEU D 94 12.02 -31.28 -5.75
C LEU D 94 12.82 -30.58 -6.83
N HIS D 95 13.46 -31.37 -7.70
CA HIS D 95 14.36 -30.86 -8.73
C HIS D 95 13.70 -29.78 -9.60
N GLN D 96 12.48 -30.05 -10.05
CA GLN D 96 11.73 -29.12 -10.89
C GLN D 96 11.30 -27.85 -10.15
N ASP D 97 11.00 -28.00 -8.86
CA ASP D 97 10.60 -26.87 -8.01
C ASP D 97 11.71 -25.82 -7.91
N TRP D 98 12.94 -26.27 -7.70
CA TRP D 98 14.07 -25.35 -7.61
C TRP D 98 14.36 -24.65 -8.93
N LEU D 99 14.29 -25.41 -10.03
CA LEU D 99 14.62 -24.89 -11.36
C LEU D 99 13.58 -23.92 -11.92
N ASN D 100 12.32 -24.13 -11.57
CA ASN D 100 11.24 -23.24 -11.99
C ASN D 100 11.34 -21.82 -11.40
N GLY D 101 11.76 -21.73 -10.14
CA GLY D 101 11.98 -20.44 -9.49
C GLY D 101 11.33 -20.28 -8.12
N LYS D 102 10.91 -21.40 -7.52
CA LYS D 102 10.28 -21.40 -6.20
C LYS D 102 11.17 -20.81 -5.11
N GLU D 103 10.60 -19.90 -4.32
CA GLU D 103 11.31 -19.28 -3.20
C GLU D 103 11.18 -20.14 -1.94
N TYR D 104 12.32 -20.37 -1.29
CA TYR D 104 12.37 -21.15 -0.06
C TYR D 104 12.70 -20.27 1.13
N LYS D 105 11.82 -20.28 2.12
CA LYS D 105 11.99 -19.43 3.30
C LYS D 105 12.21 -20.25 4.55
N CYS D 106 13.20 -19.85 5.35
CA CYS D 106 13.47 -20.47 6.64
C CYS D 106 13.26 -19.48 7.78
N LYS D 107 12.23 -19.73 8.57
CA LYS D 107 11.91 -18.90 9.74
C LYS D 107 12.45 -19.57 10.99
N VAL D 108 13.26 -18.83 11.74
CA VAL D 108 13.92 -19.37 12.93
C VAL D 108 13.46 -18.64 14.19
N SER D 109 13.03 -19.41 15.19
CA SER D 109 12.54 -18.86 16.46
C SER D 109 13.40 -19.29 17.65
N ASN D 110 13.79 -18.31 18.46
CA ASN D 110 14.59 -18.55 19.65
C ASN D 110 14.35 -17.45 20.69
N ASP D 111 14.34 -17.83 21.96
CA ASP D 111 14.03 -16.91 23.07
C ASP D 111 15.01 -15.75 23.22
N ALA D 112 16.25 -15.94 22.76
CA ALA D 112 17.25 -14.87 22.79
C ALA D 112 16.97 -13.75 21.77
N LEU D 113 16.00 -13.98 20.89
CA LEU D 113 15.62 -13.02 19.86
C LEU D 113 14.27 -12.38 20.17
N PRO D 114 14.10 -11.09 19.82
CA PRO D 114 12.81 -10.43 20.04
C PRO D 114 11.73 -10.91 19.07
N LYS D 115 12.12 -11.09 17.81
CA LYS D 115 11.24 -11.67 16.79
C LYS D 115 12.00 -12.73 15.99
N PRO D 116 11.25 -13.67 15.35
CA PRO D 116 11.91 -14.67 14.51
C PRO D 116 12.71 -14.08 13.36
N ILE D 117 13.75 -14.79 12.93
CA ILE D 117 14.56 -14.36 11.79
C ILE D 117 14.24 -15.18 10.54
N GLU D 118 14.04 -14.48 9.43
CA GLU D 118 13.74 -15.08 8.15
C GLU D 118 14.90 -14.92 7.18
N GLU D 119 15.10 -15.94 6.35
CA GLU D 119 16.00 -15.86 5.19
C GLU D 119 15.33 -16.53 4.01
N THR D 120 15.52 -15.96 2.81
CA THR D 120 14.90 -16.51 1.61
C THR D 120 15.93 -16.67 0.49
N ILE D 121 15.99 -17.89 -0.06
CA ILE D 121 16.87 -18.20 -1.19
C ILE D 121 16.08 -18.73 -2.39
N SER D 122 16.62 -18.47 -3.59
CA SER D 122 16.00 -18.91 -4.83
C SER D 122 17.07 -19.05 -5.91
N LYS D 123 16.74 -19.78 -6.97
CA LYS D 123 17.56 -19.81 -8.17
C LYS D 123 17.46 -18.44 -8.85
N ALA D 124 18.59 -17.91 -9.29
CA ALA D 124 18.65 -16.57 -9.88
C ALA D 124 17.64 -16.38 -11.03
N LYS D 125 17.04 -15.19 -11.09
CA LYS D 125 16.01 -14.89 -12.09
C LYS D 125 16.61 -14.47 -13.44
N GLY D 126 15.92 -14.84 -14.52
CA GLY D 126 16.36 -14.53 -15.87
C GLY D 126 16.27 -15.72 -16.80
N GLN D 127 16.52 -15.48 -18.09
CA GLN D 127 16.53 -16.56 -19.09
C GLN D 127 17.80 -17.39 -18.97
N PRO D 128 17.66 -18.71 -18.77
CA PRO D 128 18.83 -19.58 -18.71
C PRO D 128 19.53 -19.69 -20.06
N ARG D 129 20.83 -19.42 -20.07
CA ARG D 129 21.63 -19.48 -21.30
C ARG D 129 22.45 -20.76 -21.38
N GLU D 130 22.43 -21.39 -22.55
CA GLU D 130 23.17 -22.62 -22.80
C GLU D 130 24.68 -22.38 -22.81
N PRO D 131 25.42 -23.10 -21.94
CA PRO D 131 26.88 -22.99 -21.96
C PRO D 131 27.47 -23.53 -23.26
N GLN D 132 28.56 -22.89 -23.71
CA GLN D 132 29.29 -23.34 -24.88
C GLN D 132 30.59 -23.96 -24.40
N VAL D 133 30.79 -25.23 -24.71
CA VAL D 133 31.91 -26.00 -24.16
C VAL D 133 32.98 -26.30 -25.20
N TYR D 134 34.19 -25.82 -24.95
CA TYR D 134 35.33 -26.04 -25.85
C TYR D 134 36.51 -26.62 -25.08
N THR D 135 37.16 -27.61 -25.68
CA THR D 135 38.41 -28.14 -25.15
C THR D 135 39.58 -27.49 -25.87
N LEU D 136 40.65 -27.21 -25.13
CA LEU D 136 41.81 -26.52 -25.69
C LEU D 136 43.09 -27.36 -25.60
N PRO D 137 43.85 -27.42 -26.70
CA PRO D 137 45.13 -28.14 -26.74
C PRO D 137 46.21 -27.43 -25.92
N PRO D 138 47.17 -28.19 -25.37
CA PRO D 138 48.26 -27.61 -24.57
C PRO D 138 49.05 -26.54 -25.35
N SER D 139 49.43 -25.47 -24.64
CA SER D 139 50.03 -24.29 -25.24
C SER D 139 51.46 -24.51 -25.75
N ARG D 140 51.95 -23.55 -26.53
CA ARG D 140 53.31 -23.56 -27.05
C ARG D 140 54.37 -23.40 -25.95
N CYS D 141 53.95 -22.79 -24.84
CA CYS D 141 54.83 -22.55 -23.67
C CYS D 141 55.32 -23.84 -23.02
N GLU D 142 54.47 -24.86 -23.03
CA GLU D 142 54.77 -26.14 -22.41
C GLU D 142 55.55 -27.06 -23.35
N LEU D 143 56.50 -26.47 -24.07
CA LEU D 143 57.33 -27.18 -25.03
C LEU D 143 58.37 -28.04 -24.33
N THR D 144 59.16 -27.42 -23.45
CA THR D 144 60.23 -28.10 -22.72
C THR D 144 59.78 -28.59 -21.35
N LYS D 145 58.52 -28.34 -21.00
CA LYS D 145 57.98 -28.73 -19.69
C LYS D 145 57.67 -30.22 -19.60
N ASN D 146 57.64 -30.72 -18.38
CA ASN D 146 57.43 -32.14 -18.09
C ASN D 146 55.96 -32.54 -18.09
N GLN D 147 55.08 -31.56 -17.91
CA GLN D 147 53.64 -31.79 -17.87
C GLN D 147 52.88 -30.80 -18.76
N VAL D 148 51.66 -31.17 -19.15
CA VAL D 148 50.82 -30.31 -19.99
C VAL D 148 49.53 -29.86 -19.30
N SER D 149 48.96 -28.75 -19.77
CA SER D 149 47.70 -28.24 -19.23
C SER D 149 46.58 -28.29 -20.26
N LEU D 150 45.56 -29.08 -19.94
CA LEU D 150 44.37 -29.20 -20.78
C LEU D 150 43.26 -28.30 -20.25
N SER D 151 42.78 -27.40 -21.10
CA SER D 151 41.82 -26.38 -20.70
C SER D 151 40.43 -26.64 -21.29
N CYS D 152 39.44 -26.74 -20.40
CA CYS D 152 38.05 -26.87 -20.81
C CYS D 152 37.32 -25.54 -20.62
N ALA D 153 37.22 -24.78 -21.71
CA ALA D 153 36.54 -23.48 -21.71
C ALA D 153 35.02 -23.64 -21.71
N VAL D 154 34.37 -22.93 -20.78
CA VAL D 154 32.92 -22.93 -20.68
C VAL D 154 32.45 -21.48 -20.54
N LYS D 155 31.64 -21.02 -21.48
CA LYS D 155 31.21 -19.62 -21.50
C LYS D 155 29.76 -19.42 -21.94
N GLY D 156 29.20 -18.27 -21.55
CA GLY D 156 27.87 -17.86 -21.98
C GLY D 156 26.73 -18.63 -21.35
N PHE D 157 26.81 -18.86 -20.04
CA PHE D 157 25.77 -19.60 -19.33
C PHE D 157 25.13 -18.80 -18.19
N TYR D 158 23.84 -19.06 -17.96
CA TYR D 158 23.09 -18.46 -16.87
C TYR D 158 22.04 -19.45 -16.38
N PRO D 159 21.91 -19.64 -15.05
CA PRO D 159 22.72 -19.04 -13.98
C PRO D 159 24.09 -19.70 -13.83
N SER D 160 24.87 -19.22 -12.86
CA SER D 160 26.24 -19.68 -12.66
C SER D 160 26.36 -21.07 -12.03
N ASP D 161 25.23 -21.65 -11.62
CA ASP D 161 25.21 -23.00 -11.07
C ASP D 161 25.66 -24.01 -12.13
N ILE D 162 26.85 -24.58 -11.92
CA ILE D 162 27.49 -25.42 -12.94
C ILE D 162 28.43 -26.47 -12.34
N ALA D 163 28.64 -27.54 -13.07
CA ALA D 163 29.53 -28.63 -12.64
C ALA D 163 30.41 -29.10 -13.79
N VAL D 164 31.73 -29.02 -13.58
CA VAL D 164 32.70 -29.47 -14.58
C VAL D 164 33.58 -30.56 -13.98
N GLU D 165 33.78 -31.64 -14.72
CA GLU D 165 34.63 -32.75 -14.29
C GLU D 165 35.45 -33.30 -15.46
N TRP D 166 36.73 -33.55 -15.22
CA TRP D 166 37.59 -34.21 -16.20
C TRP D 166 37.60 -35.72 -15.97
N GLU D 167 37.69 -36.49 -17.05
CA GLU D 167 37.73 -37.95 -16.97
C GLU D 167 38.40 -38.59 -18.19
N SER D 168 39.09 -39.70 -17.96
CA SER D 168 39.80 -40.42 -19.00
C SER D 168 39.76 -41.92 -18.75
N ASN D 169 39.64 -42.69 -19.83
CA ASN D 169 39.60 -44.17 -19.76
C ASN D 169 38.61 -44.73 -18.73
N GLY D 170 37.44 -44.08 -18.62
CA GLY D 170 36.41 -44.49 -17.67
C GLY D 170 36.76 -44.26 -16.21
N GLN D 171 37.74 -43.39 -15.97
CA GLN D 171 38.19 -43.06 -14.62
C GLN D 171 38.12 -41.56 -14.38
N PRO D 172 37.68 -41.14 -13.17
CA PRO D 172 37.73 -39.72 -12.82
C PRO D 172 39.18 -39.25 -12.70
N GLU D 173 39.46 -38.05 -13.20
CA GLU D 173 40.81 -37.49 -13.14
C GLU D 173 41.12 -36.81 -11.81
N ASN D 174 42.36 -36.93 -11.37
CA ASN D 174 42.78 -36.46 -10.06
C ASN D 174 43.29 -35.01 -10.02
N ASN D 175 44.11 -34.64 -10.99
CA ASN D 175 44.77 -33.33 -10.96
C ASN D 175 44.14 -32.28 -11.88
N TYR D 176 42.99 -31.75 -11.47
CA TYR D 176 42.37 -30.61 -12.15
C TYR D 176 41.75 -29.59 -11.19
N LYS D 177 41.73 -28.34 -11.61
CA LYS D 177 41.10 -27.26 -10.85
C LYS D 177 40.20 -26.45 -11.77
N THR D 178 39.10 -25.95 -11.24
CA THR D 178 38.14 -25.17 -12.02
C THR D 178 37.99 -23.79 -11.41
N THR D 179 38.18 -22.76 -12.24
CA THR D 179 38.01 -21.37 -11.82
C THR D 179 36.55 -21.11 -11.43
N PRO D 180 36.32 -20.20 -10.46
CA PRO D 180 34.97 -19.78 -10.13
C PRO D 180 34.27 -19.14 -11.33
N PRO D 181 32.95 -19.30 -11.44
CA PRO D 181 32.22 -18.67 -12.54
C PRO D 181 32.37 -17.15 -12.52
N VAL D 182 32.97 -16.60 -13.57
CA VAL D 182 33.29 -15.17 -13.64
C VAL D 182 32.28 -14.42 -14.50
N LEU D 183 31.75 -13.35 -13.92
CA LEU D 183 30.74 -12.51 -14.57
C LEU D 183 31.28 -11.81 -15.81
N ASP D 184 30.77 -12.20 -16.98
CA ASP D 184 31.11 -11.58 -18.24
C ASP D 184 30.33 -10.27 -18.39
N SER D 185 30.87 -9.34 -19.18
CA SER D 185 30.28 -8.01 -19.36
C SER D 185 28.94 -8.03 -20.11
N ASP D 186 28.71 -9.08 -20.91
CA ASP D 186 27.48 -9.20 -21.68
C ASP D 186 26.27 -9.65 -20.85
N GLY D 187 26.53 -10.10 -19.63
CA GLY D 187 25.48 -10.53 -18.71
C GLY D 187 25.64 -11.96 -18.20
N SER D 188 26.24 -12.82 -19.04
CA SER D 188 26.40 -14.23 -18.71
C SER D 188 27.66 -14.50 -17.86
N PHE D 189 27.97 -15.78 -17.67
CA PHE D 189 29.13 -16.21 -16.89
C PHE D 189 30.07 -17.08 -17.71
N PHE D 190 31.32 -17.18 -17.27
CA PHE D 190 32.30 -18.07 -17.90
C PHE D 190 33.31 -18.64 -16.88
N LEU D 191 33.83 -19.82 -17.18
CA LEU D 191 34.90 -20.44 -16.39
C LEU D 191 35.80 -21.32 -17.25
N VAL D 192 36.92 -21.73 -16.68
CA VAL D 192 37.84 -22.68 -17.34
C VAL D 192 38.32 -23.72 -16.34
N SER D 193 38.20 -25.00 -16.70
CA SER D 193 38.73 -26.08 -15.89
C SER D 193 40.05 -26.57 -16.48
N LYS D 194 41.11 -26.55 -15.67
CA LYS D 194 42.45 -26.90 -16.12
C LYS D 194 42.90 -28.27 -15.60
N LEU D 195 43.19 -29.18 -16.52
CA LEU D 195 43.67 -30.52 -16.18
C LEU D 195 45.19 -30.64 -16.38
N THR D 196 45.89 -31.10 -15.35
CA THR D 196 47.33 -31.32 -15.44
C THR D 196 47.65 -32.81 -15.48
N VAL D 197 48.28 -33.23 -16.57
CA VAL D 197 48.64 -34.63 -16.80
C VAL D 197 50.07 -34.77 -17.32
N ASP D 198 50.68 -35.93 -17.09
CA ASP D 198 52.03 -36.21 -17.57
C ASP D 198 52.10 -36.10 -19.09
N LYS D 199 53.19 -35.52 -19.60
CA LYS D 199 53.34 -35.28 -21.03
C LYS D 199 53.29 -36.57 -21.86
N SER D 200 53.75 -37.66 -21.25
CA SER D 200 53.70 -38.99 -21.87
C SER D 200 52.27 -39.45 -22.13
N ARG D 201 51.37 -39.15 -21.19
CA ARG D 201 49.95 -39.46 -21.31
C ARG D 201 49.33 -38.75 -22.51
N TRP D 202 49.86 -37.57 -22.84
CA TRP D 202 49.37 -36.77 -23.96
C TRP D 202 50.00 -37.17 -25.30
N GLN D 203 51.30 -37.51 -25.28
CA GLN D 203 52.01 -37.91 -26.49
C GLN D 203 51.39 -39.17 -27.10
N GLN D 204 51.12 -40.16 -26.24
CA GLN D 204 50.29 -41.31 -26.59
C GLN D 204 48.84 -40.82 -26.66
N GLY D 205 48.10 -41.31 -27.64
CA GLY D 205 46.73 -40.82 -27.90
C GLY D 205 45.69 -41.19 -26.86
N ASN D 206 45.83 -40.67 -25.65
CA ASN D 206 44.83 -40.84 -24.61
C ASN D 206 43.72 -39.80 -24.73
N VAL D 207 42.47 -40.27 -24.64
CA VAL D 207 41.32 -39.37 -24.75
C VAL D 207 40.95 -38.78 -23.39
N PHE D 208 41.08 -37.47 -23.28
CA PHE D 208 40.69 -36.75 -22.06
C PHE D 208 39.36 -36.03 -22.29
N SER D 209 38.38 -36.35 -21.48
CA SER D 209 37.02 -35.86 -21.64
C SER D 209 36.63 -34.87 -20.56
N CYS D 210 35.94 -33.81 -20.97
CA CYS D 210 35.42 -32.80 -20.07
C CYS D 210 33.89 -32.84 -20.07
N SER D 211 33.30 -33.06 -18.90
CA SER D 211 31.85 -33.16 -18.76
C SER D 211 31.25 -31.98 -18.00
N VAL D 212 30.29 -31.31 -18.64
CA VAL D 212 29.65 -30.13 -18.07
C VAL D 212 28.19 -30.40 -17.75
N MET D 213 27.79 -30.02 -16.53
CA MET D 213 26.39 -30.16 -16.10
C MET D 213 25.78 -28.79 -15.78
N HIS D 214 24.69 -28.48 -16.49
CA HIS D 214 24.00 -27.19 -16.40
C HIS D 214 22.55 -27.39 -16.83
N GLU D 215 21.66 -26.53 -16.36
CA GLU D 215 20.21 -26.66 -16.65
C GLU D 215 19.82 -26.34 -18.08
N ALA D 216 20.57 -25.46 -18.73
CA ALA D 216 20.26 -25.01 -20.08
C ALA D 216 20.86 -25.91 -21.16
N LEU D 217 21.37 -27.07 -20.76
CA LEU D 217 21.83 -28.08 -21.69
C LEU D 217 20.75 -29.14 -21.90
N HIS D 218 20.80 -29.81 -23.06
CA HIS D 218 19.91 -30.94 -23.32
C HIS D 218 20.27 -32.10 -22.39
N ASN D 219 19.25 -32.65 -21.72
CA ASN D 219 19.43 -33.66 -20.67
C ASN D 219 20.36 -33.22 -19.53
N HIS D 220 20.47 -31.91 -19.33
CA HIS D 220 21.36 -31.28 -18.35
C HIS D 220 22.87 -31.58 -18.52
N TYR D 221 23.19 -32.47 -19.46
CA TYR D 221 24.56 -32.98 -19.59
C TYR D 221 25.14 -32.79 -20.98
N THR D 222 26.45 -32.51 -21.02
CA THR D 222 27.23 -32.53 -22.26
C THR D 222 28.65 -33.03 -21.97
N GLN D 223 29.32 -33.53 -23.00
CA GLN D 223 30.69 -34.03 -22.86
C GLN D 223 31.53 -33.69 -24.08
N LYS D 224 32.66 -33.00 -23.85
CA LYS D 224 33.62 -32.70 -24.90
C LYS D 224 34.94 -33.42 -24.63
N SER D 225 35.46 -34.08 -25.66
CA SER D 225 36.67 -34.89 -25.53
C SER D 225 37.84 -34.32 -26.34
N LEU D 226 39.04 -34.80 -26.02
CA LEU D 226 40.27 -34.26 -26.61
C LEU D 226 41.40 -35.28 -26.56
N SER D 227 42.19 -35.32 -27.64
CA SER D 227 43.42 -36.12 -27.71
C SER D 227 44.37 -35.52 -28.75
N LEU D 228 45.63 -35.96 -28.71
CA LEU D 228 46.64 -35.48 -29.65
C LEU D 228 46.43 -36.08 -31.04
N SER D 229 46.46 -35.21 -32.06
CA SER D 229 46.30 -35.63 -33.45
C SER D 229 47.14 -34.77 -34.39
N TYR E 20 35.49 -4.32 25.54
CA TYR E 20 35.68 -2.84 25.47
C TYR E 20 35.35 -2.28 24.09
N TRP E 21 34.60 -1.17 24.08
CA TRP E 21 34.20 -0.51 22.85
C TRP E 21 34.91 0.84 22.70
N GLY E 22 35.22 1.19 21.46
CA GLY E 22 35.86 2.47 21.15
C GLY E 22 36.13 2.62 19.67
N PRO E 23 37.11 3.46 19.30
CA PRO E 23 37.53 3.56 17.90
C PRO E 23 38.17 2.26 17.41
N MET E 24 38.14 2.04 16.10
CA MET E 24 38.71 0.84 15.52
C MET E 24 39.76 1.17 14.46
N VAL E 25 40.79 0.35 14.39
CA VAL E 25 41.94 0.60 13.51
C VAL E 25 42.02 -0.45 12.40
N PHE E 26 42.16 0.02 11.17
CA PHE E 26 42.31 -0.87 10.01
C PHE E 26 43.53 -0.48 9.17
N LEU E 27 44.37 -1.47 8.91
CA LEU E 27 45.62 -1.26 8.18
C LEU E 27 45.59 -1.94 6.83
N PHE E 28 45.82 -1.15 5.78
CA PHE E 28 45.71 -1.63 4.40
C PHE E 28 47.04 -1.65 3.64
N PRO E 29 47.28 -2.74 2.88
CA PRO E 29 48.49 -2.88 2.07
C PRO E 29 48.45 -2.00 0.82
N PRO E 30 49.60 -1.78 0.16
CA PRO E 30 49.61 -1.04 -1.10
C PRO E 30 49.11 -1.90 -2.25
N LYS E 31 48.78 -1.26 -3.36
CA LYS E 31 48.37 -1.95 -4.58
C LYS E 31 49.53 -2.77 -5.14
N PRO E 32 49.24 -3.97 -5.69
CA PRO E 32 50.30 -4.79 -6.28
C PRO E 32 51.08 -4.09 -7.40
N LYS E 33 50.39 -3.40 -8.29
CA LYS E 33 51.06 -2.66 -9.39
C LYS E 33 51.94 -1.51 -8.91
N ASP E 34 51.60 -0.96 -7.76
CA ASP E 34 52.38 0.14 -7.17
C ASP E 34 53.75 -0.35 -6.67
N THR E 35 53.80 -1.59 -6.19
CA THR E 35 55.04 -2.15 -5.64
C THR E 35 55.95 -2.76 -6.71
N LEU E 36 55.37 -3.07 -7.87
CA LEU E 36 56.10 -3.74 -8.95
C LEU E 36 56.73 -2.78 -9.95
N MET E 37 56.09 -1.63 -10.17
CA MET E 37 56.64 -0.61 -11.05
C MET E 37 57.24 0.54 -10.26
N ILE E 38 58.51 0.82 -10.55
CA ILE E 38 59.31 1.80 -9.80
C ILE E 38 58.81 3.24 -9.93
N SER E 39 58.16 3.53 -11.06
CA SER E 39 57.60 4.87 -11.32
C SER E 39 56.32 5.15 -10.53
N ARG E 40 55.57 4.09 -10.20
CA ARG E 40 54.36 4.20 -9.40
C ARG E 40 54.66 4.40 -7.92
N THR E 41 53.68 4.87 -7.17
CA THR E 41 53.85 5.16 -5.74
C THR E 41 53.07 4.16 -4.87
N PRO E 42 53.79 3.36 -4.06
CA PRO E 42 53.16 2.43 -3.14
C PRO E 42 52.94 3.06 -1.76
N GLU E 43 51.71 2.95 -1.26
CA GLU E 43 51.31 3.56 0.01
C GLU E 43 50.63 2.56 0.94
N VAL E 44 50.96 2.64 2.22
CA VAL E 44 50.24 1.88 3.25
C VAL E 44 49.28 2.84 3.95
N THR E 45 48.06 2.36 4.22
CA THR E 45 46.99 3.22 4.74
C THR E 45 46.47 2.74 6.09
N CYS E 46 46.52 3.62 7.08
CA CYS E 46 45.97 3.33 8.41
C CYS E 46 44.72 4.16 8.67
N VAL E 47 43.60 3.48 8.87
CA VAL E 47 42.30 4.11 9.04
C VAL E 47 41.78 3.92 10.46
N VAL E 48 41.33 5.00 11.08
CA VAL E 48 40.68 4.94 12.38
C VAL E 48 39.22 5.36 12.25
N VAL E 49 38.31 4.46 12.57
CA VAL E 49 36.87 4.70 12.44
C VAL E 49 36.19 4.81 13.81
N ASP E 50 34.91 5.18 13.78
CA ASP E 50 34.07 5.30 14.98
C ASP E 50 34.66 6.24 16.04
N VAL E 51 35.31 7.31 15.59
CA VAL E 51 35.80 8.35 16.49
C VAL E 51 34.66 9.30 16.80
N SER E 52 34.43 9.55 18.08
CA SER E 52 33.36 10.44 18.52
C SER E 52 33.83 11.89 18.58
N ASP E 53 32.87 12.81 18.52
CA ASP E 53 33.14 14.24 18.64
C ASP E 53 33.82 14.57 19.98
N GLU E 54 33.48 13.79 21.01
CA GLU E 54 34.00 13.98 22.36
C GLU E 54 35.44 13.47 22.50
N ASP E 55 35.87 12.63 21.57
CA ASP E 55 37.23 12.08 21.56
C ASP E 55 38.28 13.13 21.16
N PRO E 56 39.37 13.23 21.95
CA PRO E 56 40.41 14.22 21.70
C PRO E 56 41.31 13.90 20.50
N GLU E 57 42.54 14.42 20.53
CA GLU E 57 43.50 14.26 19.44
C GLU E 57 43.92 12.81 19.23
N VAL E 58 44.00 12.40 17.97
CA VAL E 58 44.46 11.06 17.59
C VAL E 58 45.86 11.13 16.98
N LYS E 59 46.78 10.33 17.51
CA LYS E 59 48.17 10.36 17.09
C LYS E 59 48.61 9.03 16.47
N PHE E 60 49.35 9.12 15.36
CA PHE E 60 49.85 7.95 14.65
C PHE E 60 51.34 7.74 14.90
N ASN E 61 51.77 6.49 14.80
CA ASN E 61 53.17 6.12 14.85
C ASN E 61 53.42 4.97 13.87
N TRP E 62 54.43 5.13 13.03
CA TRP E 62 54.75 4.12 12.02
C TRP E 62 56.08 3.44 12.31
N TYR E 63 56.13 2.13 12.10
CA TYR E 63 57.33 1.35 12.34
C TYR E 63 57.58 0.37 11.19
N VAL E 64 58.69 0.56 10.50
CA VAL E 64 59.13 -0.38 9.47
C VAL E 64 60.13 -1.35 10.10
N ASP E 65 59.68 -2.59 10.30
CA ASP E 65 60.47 -3.66 10.94
C ASP E 65 61.00 -3.29 12.33
N GLY E 66 60.22 -2.54 13.09
CA GLY E 66 60.60 -2.13 14.44
C GLY E 66 61.21 -0.75 14.52
N VAL E 67 61.79 -0.29 13.41
CA VAL E 67 62.40 1.03 13.36
C VAL E 67 61.35 2.07 12.99
N GLU E 68 61.22 3.08 13.85
CA GLU E 68 60.24 4.14 13.66
C GLU E 68 60.58 5.04 12.47
N VAL E 69 59.59 5.26 11.61
CA VAL E 69 59.73 6.16 10.46
C VAL E 69 58.82 7.38 10.64
N HIS E 70 59.18 8.49 9.99
CA HIS E 70 58.57 9.78 10.28
C HIS E 70 58.02 10.51 9.05
N ASN E 71 57.81 9.77 7.96
CA ASN E 71 57.42 10.37 6.69
C ASN E 71 56.01 10.00 6.22
N ALA E 72 55.01 10.35 7.03
CA ALA E 72 53.63 10.02 6.72
C ALA E 72 52.75 11.27 6.59
N LYS E 73 51.77 11.19 5.68
CA LYS E 73 50.78 12.25 5.54
C LYS E 73 49.54 11.89 6.37
N THR E 74 49.19 12.77 7.31
CA THR E 74 48.02 12.59 8.16
C THR E 74 47.00 13.71 7.94
N LYS E 75 45.88 13.35 7.32
CA LYS E 75 44.77 14.27 7.12
C LYS E 75 44.03 14.51 8.43
N PRO E 76 43.50 15.74 8.63
CA PRO E 76 42.72 16.03 9.84
C PRO E 76 41.40 15.25 9.87
N ARG E 77 40.78 15.19 11.05
CA ARG E 77 39.55 14.43 11.26
C ARG E 77 38.45 14.83 10.26
N GLU E 78 37.80 13.81 9.70
CA GLU E 78 36.75 14.03 8.68
C GLU E 78 35.43 13.42 9.12
N GLU E 79 34.44 14.28 9.35
CA GLU E 79 33.12 13.87 9.82
C GLU E 79 32.38 13.06 8.76
N GLN E 80 31.78 11.95 9.18
CA GLN E 80 31.08 11.04 8.28
C GLN E 80 29.57 11.28 8.30
N TYR E 81 28.85 10.47 7.53
CA TYR E 81 27.40 10.60 7.38
C TYR E 81 26.63 9.83 8.47
N ASN E 82 27.38 9.27 9.42
CA ASN E 82 26.80 8.57 10.57
C ASN E 82 27.20 9.20 11.91
N ALA E 83 27.51 10.50 11.86
CA ALA E 83 27.88 11.31 13.04
C ALA E 83 29.21 10.96 13.71
N THR E 84 29.99 10.09 13.07
CA THR E 84 31.32 9.74 13.58
C THR E 84 32.42 10.53 12.85
N TYR E 85 33.66 10.25 13.24
CA TYR E 85 34.83 10.83 12.59
C TYR E 85 35.75 9.73 12.08
N ARG E 86 36.41 10.01 10.96
CA ARG E 86 37.34 9.08 10.33
C ARG E 86 38.67 9.82 10.10
N VAL E 87 39.75 9.26 10.64
CA VAL E 87 41.07 9.83 10.47
C VAL E 87 41.96 8.82 9.75
N VAL E 88 42.66 9.27 8.71
CA VAL E 88 43.52 8.41 7.91
C VAL E 88 44.95 8.94 7.85
N SER E 89 45.91 8.05 8.04
CA SER E 89 47.32 8.37 7.89
C SER E 89 47.95 7.46 6.84
N VAL E 90 48.56 8.09 5.83
CA VAL E 90 49.17 7.36 4.72
C VAL E 90 50.69 7.41 4.78
N LEU E 91 51.32 6.23 4.68
CA LEU E 91 52.77 6.11 4.69
C LEU E 91 53.28 5.62 3.34
N THR E 92 54.19 6.38 2.77
CA THR E 92 54.81 6.01 1.50
C THR E 92 55.91 4.99 1.75
N VAL E 93 55.83 3.86 1.05
CA VAL E 93 56.77 2.75 1.27
C VAL E 93 57.74 2.57 0.10
N LEU E 94 58.96 2.17 0.42
CA LEU E 94 59.97 1.87 -0.59
C LEU E 94 59.66 0.51 -1.21
N HIS E 95 59.63 0.48 -2.54
CA HIS E 95 59.27 -0.73 -3.31
C HIS E 95 59.97 -1.98 -2.77
N GLN E 96 61.30 -1.92 -2.68
CA GLN E 96 62.12 -3.04 -2.23
C GLN E 96 61.84 -3.47 -0.78
N ASP E 97 61.46 -2.51 0.07
CA ASP E 97 61.12 -2.79 1.46
C ASP E 97 59.94 -3.75 1.57
N TRP E 98 58.91 -3.52 0.76
CA TRP E 98 57.72 -4.35 0.74
C TRP E 98 58.01 -5.74 0.13
N LEU E 99 58.73 -5.74 -0.99
CA LEU E 99 59.04 -6.98 -1.71
C LEU E 99 59.99 -7.90 -0.92
N ASN E 100 60.82 -7.32 -0.07
CA ASN E 100 61.66 -8.11 0.84
C ASN E 100 60.89 -8.64 2.05
N GLY E 101 59.69 -8.11 2.27
CA GLY E 101 58.79 -8.62 3.29
C GLY E 101 58.96 -8.03 4.67
N LYS E 102 59.27 -6.73 4.72
CA LYS E 102 59.37 -6.00 5.99
C LYS E 102 57.99 -5.84 6.64
N GLU E 103 57.98 -5.74 7.97
CA GLU E 103 56.73 -5.58 8.71
C GLU E 103 56.38 -4.10 8.90
N TYR E 104 55.14 -3.76 8.59
CA TYR E 104 54.65 -2.39 8.73
C TYR E 104 53.64 -2.31 9.88
N LYS E 105 53.97 -1.50 10.88
CA LYS E 105 53.17 -1.38 12.09
C LYS E 105 52.57 0.00 12.25
N CYS E 106 51.26 0.04 12.54
CA CYS E 106 50.55 1.28 12.83
C CYS E 106 50.16 1.31 14.31
N LYS E 107 50.55 2.38 15.00
CA LYS E 107 50.20 2.56 16.41
C LYS E 107 49.32 3.80 16.59
N VAL E 108 48.11 3.58 17.09
CA VAL E 108 47.13 4.65 17.27
C VAL E 108 46.98 5.02 18.74
N SER E 109 47.20 6.29 19.04
CA SER E 109 47.19 6.78 20.42
C SER E 109 46.03 7.73 20.67
N ASN E 110 45.38 7.55 21.82
CA ASN E 110 44.30 8.41 22.29
C ASN E 110 44.30 8.48 23.81
N LYS E 111 43.94 9.66 24.34
CA LYS E 111 43.90 9.88 25.78
C LYS E 111 42.80 9.05 26.47
N ASP E 112 41.65 8.92 25.81
CA ASP E 112 40.52 8.14 26.34
C ASP E 112 40.59 6.67 25.91
N LEU E 113 41.79 6.10 25.95
CA LEU E 113 42.03 4.74 25.48
C LEU E 113 42.91 3.99 26.48
N PRO E 114 42.54 2.72 26.81
CA PRO E 114 43.27 1.92 27.79
C PRO E 114 44.73 1.64 27.41
N ALA E 115 44.95 1.22 26.18
CA ALA E 115 46.29 0.98 25.63
C ALA E 115 46.29 1.37 24.16
N PRO E 116 47.46 1.80 23.63
CA PRO E 116 47.55 2.10 22.20
C PRO E 116 47.20 0.89 21.35
N ILE E 117 46.43 1.10 20.29
CA ILE E 117 46.03 0.02 19.37
C ILE E 117 47.12 -0.21 18.31
N GLU E 118 47.62 -1.44 18.23
CA GLU E 118 48.65 -1.80 17.27
C GLU E 118 48.15 -2.78 16.22
N LYS E 119 48.34 -2.41 14.95
CA LYS E 119 48.02 -3.30 13.84
C LYS E 119 49.25 -3.47 12.96
N THR E 120 49.41 -4.66 12.38
CA THR E 120 50.60 -4.99 11.60
C THR E 120 50.27 -5.75 10.33
N ILE E 121 50.75 -5.24 9.19
CA ILE E 121 50.68 -5.93 7.91
C ILE E 121 52.04 -6.04 7.22
N SER E 122 52.14 -6.96 6.27
CA SER E 122 53.34 -7.17 5.47
C SER E 122 52.96 -7.92 4.20
N LYS E 123 53.91 -8.13 3.30
CA LYS E 123 53.68 -8.96 2.12
C LYS E 123 53.44 -10.41 2.57
N ALA E 124 52.68 -11.15 1.77
CA ALA E 124 52.37 -12.55 2.06
C ALA E 124 53.65 -13.37 2.19
N LYS E 125 53.70 -14.22 3.22
CA LYS E 125 54.84 -15.11 3.45
C LYS E 125 54.88 -16.24 2.43
N GLY E 126 56.10 -16.73 2.15
CA GLY E 126 56.29 -17.87 1.25
C GLY E 126 57.25 -17.61 0.10
N GLN E 127 57.80 -18.68 -0.46
CA GLN E 127 58.73 -18.61 -1.56
C GLN E 127 58.06 -18.10 -2.84
N PRO E 128 58.59 -16.99 -3.40
CA PRO E 128 58.03 -16.43 -4.64
C PRO E 128 58.38 -17.29 -5.86
N ARG E 129 57.34 -17.72 -6.57
CA ARG E 129 57.50 -18.59 -7.74
C ARG E 129 57.25 -17.81 -9.03
N GLU E 130 58.06 -18.08 -10.05
CA GLU E 130 57.97 -17.38 -11.33
C GLU E 130 56.75 -17.84 -12.14
N PRO E 131 55.96 -16.89 -12.68
CA PRO E 131 54.81 -17.22 -13.53
C PRO E 131 55.22 -17.86 -14.84
N GLN E 132 54.28 -18.58 -15.45
CA GLN E 132 54.45 -19.10 -16.80
C GLN E 132 53.31 -18.62 -17.70
N VAL E 133 53.59 -17.57 -18.47
CA VAL E 133 52.58 -16.95 -19.34
C VAL E 133 52.40 -17.77 -20.62
N CYS E 134 51.21 -18.31 -20.79
CA CYS E 134 50.90 -19.22 -21.90
C CYS E 134 49.68 -18.76 -22.67
N THR E 135 49.89 -18.39 -23.93
CA THR E 135 48.80 -17.98 -24.82
C THR E 135 48.18 -19.19 -25.51
N LEU E 136 46.86 -19.17 -25.66
CA LEU E 136 46.12 -20.27 -26.27
C LEU E 136 45.31 -19.79 -27.47
N PRO E 137 45.45 -20.48 -28.62
CA PRO E 137 44.61 -20.20 -29.78
C PRO E 137 43.16 -20.67 -29.56
N PRO E 138 42.18 -19.99 -30.19
CA PRO E 138 40.77 -20.38 -30.08
C PRO E 138 40.51 -21.78 -30.61
N SER E 139 39.47 -22.42 -30.09
CA SER E 139 39.09 -23.77 -30.51
C SER E 139 38.58 -23.79 -31.96
N ARG E 140 38.62 -24.98 -32.58
CA ARG E 140 38.19 -25.15 -33.97
C ARG E 140 36.70 -24.87 -34.18
N ASP E 141 35.92 -24.92 -33.11
CA ASP E 141 34.47 -24.74 -33.17
C ASP E 141 34.05 -23.29 -32.96
N GLU E 142 35.04 -22.41 -32.78
CA GLU E 142 34.79 -21.00 -32.47
C GLU E 142 35.28 -20.07 -33.58
N LEU E 143 35.69 -20.65 -34.70
CA LEU E 143 36.26 -19.89 -35.82
C LEU E 143 35.25 -19.05 -36.59
N THR E 144 34.03 -19.58 -36.75
CA THR E 144 33.00 -18.94 -37.58
C THR E 144 31.91 -18.27 -36.75
N LYS E 145 32.12 -16.98 -36.45
CA LYS E 145 31.13 -16.15 -35.75
C LYS E 145 31.52 -14.68 -35.83
N ASN E 146 30.62 -13.79 -35.37
CA ASN E 146 30.87 -12.35 -35.35
C ASN E 146 31.98 -11.92 -34.40
N GLN E 147 32.16 -12.70 -33.32
CA GLN E 147 33.23 -12.44 -32.35
C GLN E 147 33.98 -13.72 -32.00
N VAL E 148 35.30 -13.59 -31.80
CA VAL E 148 36.16 -14.71 -31.42
C VAL E 148 37.02 -14.30 -30.22
N SER E 149 37.16 -15.20 -29.26
CA SER E 149 37.89 -14.91 -28.02
C SER E 149 39.25 -15.61 -27.93
N LEU E 150 40.21 -14.92 -27.30
CA LEU E 150 41.56 -15.46 -27.09
C LEU E 150 41.80 -15.78 -25.62
N TRP E 151 42.75 -16.69 -25.36
CA TRP E 151 43.05 -17.15 -24.01
C TRP E 151 44.51 -16.92 -23.60
N CYS E 152 44.70 -16.59 -22.33
CA CYS E 152 46.03 -16.43 -21.74
C CYS E 152 46.08 -17.08 -20.37
N LEU E 153 46.70 -18.26 -20.30
CA LEU E 153 46.85 -18.99 -19.04
C LEU E 153 48.16 -18.63 -18.36
N VAL E 154 48.05 -18.02 -17.19
CA VAL E 154 49.22 -17.69 -16.38
C VAL E 154 49.18 -18.58 -15.14
N LYS E 155 50.20 -19.42 -14.99
CA LYS E 155 50.22 -20.47 -13.98
C LYS E 155 51.55 -20.60 -13.24
N GLY E 156 51.47 -21.13 -12.01
CA GLY E 156 52.66 -21.43 -11.21
C GLY E 156 53.31 -20.22 -10.57
N PHE E 157 52.51 -19.22 -10.22
CA PHE E 157 53.03 -17.99 -9.60
C PHE E 157 52.58 -17.82 -8.14
N TYR E 158 53.46 -17.22 -7.34
CA TYR E 158 53.22 -16.99 -5.91
C TYR E 158 53.89 -15.67 -5.51
N PRO E 159 53.18 -14.82 -4.74
CA PRO E 159 51.81 -14.97 -4.22
C PRO E 159 50.75 -14.58 -5.26
N SER E 160 49.49 -14.60 -4.83
CA SER E 160 48.32 -14.38 -5.71
C SER E 160 48.27 -12.99 -6.37
N ASP E 161 48.99 -12.03 -5.80
CA ASP E 161 49.02 -10.67 -6.32
C ASP E 161 49.68 -10.63 -7.71
N ILE E 162 48.89 -10.24 -8.71
CA ILE E 162 49.32 -10.26 -10.10
C ILE E 162 48.46 -9.32 -10.95
N ALA E 163 49.05 -8.72 -11.98
CA ALA E 163 48.32 -7.85 -12.89
C ALA E 163 48.44 -8.37 -14.32
N VAL E 164 47.29 -8.63 -14.95
CA VAL E 164 47.25 -9.13 -16.32
C VAL E 164 46.51 -8.13 -17.21
N GLU E 165 47.18 -7.70 -18.27
CA GLU E 165 46.61 -6.77 -19.24
C GLU E 165 46.79 -7.28 -20.65
N TRP E 166 45.74 -7.16 -21.46
CA TRP E 166 45.82 -7.44 -22.88
C TRP E 166 46.13 -6.14 -23.62
N GLU E 167 46.85 -6.26 -24.73
CA GLU E 167 47.18 -5.10 -25.56
C GLU E 167 47.43 -5.47 -27.02
N SER E 168 47.21 -4.50 -27.90
CA SER E 168 47.51 -4.65 -29.33
C SER E 168 48.01 -3.32 -29.88
N ASN E 169 49.17 -3.38 -30.53
CA ASN E 169 49.87 -2.19 -31.04
C ASN E 169 50.07 -1.09 -29.99
N GLY E 170 50.50 -1.50 -28.79
CA GLY E 170 50.86 -0.58 -27.71
C GLY E 170 49.70 -0.02 -26.92
N GLN E 171 48.47 -0.17 -27.42
CA GLN E 171 47.28 0.36 -26.77
C GLN E 171 46.62 -0.69 -25.87
N PRO E 172 46.34 -0.33 -24.60
CA PRO E 172 45.65 -1.23 -23.66
C PRO E 172 44.25 -1.60 -24.17
N GLU E 173 44.06 -2.88 -24.46
CA GLU E 173 42.86 -3.38 -25.13
C GLU E 173 41.59 -3.28 -24.28
N ASN E 174 40.52 -2.80 -24.90
CA ASN E 174 39.20 -2.78 -24.27
C ASN E 174 38.47 -4.11 -24.49
N ASN E 175 37.48 -4.38 -23.64
CA ASN E 175 36.66 -5.59 -23.69
C ASN E 175 37.43 -6.89 -23.39
N TYR E 176 37.79 -7.06 -22.11
CA TYR E 176 38.36 -8.31 -21.61
C TYR E 176 38.01 -8.53 -20.14
N LYS E 177 37.92 -9.80 -19.74
CA LYS E 177 37.72 -10.15 -18.34
C LYS E 177 38.72 -11.21 -17.92
N THR E 178 39.26 -11.06 -16.72
CA THR E 178 40.26 -11.96 -16.17
C THR E 178 39.72 -12.67 -14.93
N THR E 179 39.85 -13.98 -14.91
CA THR E 179 39.47 -14.79 -13.75
C THR E 179 40.37 -14.46 -12.57
N PRO E 180 39.80 -14.39 -11.35
CA PRO E 180 40.61 -14.18 -10.14
C PRO E 180 41.57 -15.35 -9.91
N PRO E 181 42.71 -15.09 -9.22
CA PRO E 181 43.68 -16.14 -8.88
C PRO E 181 43.04 -17.37 -8.25
N VAL E 182 43.57 -18.54 -8.58
CA VAL E 182 43.05 -19.81 -8.05
C VAL E 182 44.20 -20.63 -7.48
N LEU E 183 44.01 -21.14 -6.27
CA LEU E 183 45.01 -21.99 -5.62
C LEU E 183 45.09 -23.36 -6.30
N ASP E 184 46.28 -23.70 -6.78
CA ASP E 184 46.54 -24.99 -7.41
C ASP E 184 46.90 -26.03 -6.35
N SER E 185 46.98 -27.30 -6.75
CA SER E 185 47.28 -28.39 -5.82
C SER E 185 48.70 -28.36 -5.25
N ASP E 186 49.65 -27.90 -6.06
CA ASP E 186 51.06 -27.82 -5.63
C ASP E 186 51.31 -26.63 -4.70
N GLY E 187 50.37 -25.68 -4.67
CA GLY E 187 50.46 -24.53 -3.77
C GLY E 187 50.49 -23.20 -4.48
N SER E 188 50.87 -23.21 -5.76
CA SER E 188 50.97 -22.00 -6.57
C SER E 188 49.61 -21.51 -7.08
N PHE E 189 49.62 -20.45 -7.87
CA PHE E 189 48.39 -19.87 -8.41
C PHE E 189 48.32 -19.92 -9.93
N PHE E 190 47.10 -19.97 -10.46
CA PHE E 190 46.85 -19.91 -11.89
C PHE E 190 45.58 -19.11 -12.20
N LEU E 191 45.55 -18.46 -13.35
CA LEU E 191 44.36 -17.76 -13.81
C LEU E 191 44.20 -17.88 -15.33
N TYR E 192 43.00 -17.57 -15.81
CA TYR E 192 42.73 -17.48 -17.23
C TYR E 192 42.24 -16.09 -17.58
N SER E 193 42.73 -15.55 -18.69
CA SER E 193 42.26 -14.26 -19.18
C SER E 193 41.55 -14.43 -20.51
N LYS E 194 40.34 -13.89 -20.59
CA LYS E 194 39.50 -14.00 -21.77
C LYS E 194 39.40 -12.66 -22.48
N LEU E 195 40.02 -12.58 -23.65
CA LEU E 195 39.95 -11.39 -24.48
C LEU E 195 39.03 -11.65 -25.68
N THR E 196 37.84 -11.06 -25.64
CA THR E 196 36.88 -11.18 -26.72
C THR E 196 37.08 -10.02 -27.69
N VAL E 197 37.52 -10.34 -28.90
CA VAL E 197 37.73 -9.33 -29.95
C VAL E 197 36.88 -9.63 -31.18
N ASP E 198 36.83 -8.66 -32.09
CA ASP E 198 36.11 -8.80 -33.36
C ASP E 198 36.81 -9.81 -34.26
N LYS E 199 36.02 -10.56 -35.03
CA LYS E 199 36.55 -11.57 -35.94
C LYS E 199 37.34 -10.93 -37.07
N SER E 200 36.93 -9.73 -37.47
CA SER E 200 37.62 -8.96 -38.52
C SER E 200 38.90 -8.28 -38.02
N ARG E 201 39.43 -8.76 -36.90
CA ARG E 201 40.70 -8.28 -36.35
C ARG E 201 41.71 -9.42 -36.25
N TRP E 202 41.22 -10.61 -35.87
CA TRP E 202 42.04 -11.81 -35.76
C TRP E 202 42.31 -12.43 -37.14
N GLN E 203 41.33 -12.34 -38.02
CA GLN E 203 41.44 -12.89 -39.38
C GLN E 203 42.38 -12.07 -40.27
N GLN E 204 42.46 -10.77 -40.02
CA GLN E 204 43.34 -9.87 -40.77
C GLN E 204 44.82 -10.18 -40.52
N GLY E 205 45.14 -10.62 -39.30
CA GLY E 205 46.50 -11.01 -38.94
C GLY E 205 47.07 -10.26 -37.74
N ASN E 206 46.30 -9.30 -37.22
CA ASN E 206 46.73 -8.48 -36.09
C ASN E 206 47.11 -9.30 -34.86
N VAL E 207 48.40 -9.32 -34.56
CA VAL E 207 48.94 -10.11 -33.46
C VAL E 207 48.61 -9.45 -32.12
N PHE E 208 47.93 -10.22 -31.26
CA PHE E 208 47.61 -9.77 -29.91
C PHE E 208 48.62 -10.32 -28.92
N SER E 209 48.94 -9.51 -27.91
CA SER E 209 49.95 -9.88 -26.91
C SER E 209 49.41 -9.82 -25.48
N CYS E 210 49.83 -10.80 -24.67
CA CYS E 210 49.41 -10.90 -23.27
C CYS E 210 50.53 -10.42 -22.36
N SER E 211 50.29 -9.32 -21.66
CA SER E 211 51.28 -8.71 -20.77
C SER E 211 50.97 -8.97 -19.30
N VAL E 212 51.99 -9.35 -18.53
CA VAL E 212 51.81 -9.75 -17.13
C VAL E 212 52.82 -9.06 -16.21
N MET E 213 52.35 -8.64 -15.04
CA MET E 213 53.18 -8.02 -14.02
C MET E 213 53.18 -8.85 -12.74
N HIS E 214 54.37 -9.25 -12.30
CA HIS E 214 54.55 -10.06 -11.09
C HIS E 214 55.94 -9.84 -10.51
N GLU E 215 56.10 -10.11 -9.22
CA GLU E 215 57.38 -9.90 -8.52
C GLU E 215 58.49 -10.85 -8.95
N ALA E 216 58.12 -12.10 -9.25
CA ALA E 216 59.09 -13.13 -9.58
C ALA E 216 59.50 -13.17 -11.06
N LEU E 217 59.03 -12.19 -11.83
CA LEU E 217 59.45 -12.00 -13.21
C LEU E 217 60.68 -11.10 -13.28
N HIS E 218 61.48 -11.27 -14.33
CA HIS E 218 62.62 -10.40 -14.58
C HIS E 218 62.12 -9.02 -14.99
N ASN E 219 62.55 -8.00 -14.24
CA ASN E 219 62.09 -6.60 -14.42
C ASN E 219 60.58 -6.43 -14.27
N HIS E 220 59.96 -7.35 -13.54
CA HIS E 220 58.52 -7.37 -13.25
C HIS E 220 57.59 -7.34 -14.48
N TYR E 221 58.09 -7.82 -15.62
CA TYR E 221 57.32 -7.79 -16.85
C TYR E 221 57.69 -8.93 -17.80
N THR E 222 56.69 -9.42 -18.53
CA THR E 222 56.87 -10.39 -19.62
C THR E 222 55.71 -10.31 -20.62
N GLN E 223 55.94 -10.81 -21.83
CA GLN E 223 54.96 -10.71 -22.91
C GLN E 223 55.00 -11.92 -23.85
N LYS E 224 53.81 -12.38 -24.26
CA LYS E 224 53.69 -13.48 -25.21
C LYS E 224 52.82 -13.09 -26.42
N SER E 225 53.28 -13.48 -27.60
CA SER E 225 52.61 -13.16 -28.85
C SER E 225 51.65 -14.26 -29.30
N LEU E 226 50.58 -13.86 -30.00
CA LEU E 226 49.58 -14.81 -30.50
C LEU E 226 49.05 -14.40 -31.87
N SER E 227 49.31 -15.25 -32.87
CA SER E 227 48.92 -14.97 -34.26
C SER E 227 48.25 -16.16 -34.95
N LEU E 228 47.51 -15.86 -36.01
CA LEU E 228 46.82 -16.87 -36.81
C LEU E 228 47.80 -17.61 -37.71
N SER E 229 47.57 -18.91 -37.89
CA SER E 229 48.41 -19.75 -38.75
C SER E 229 48.12 -19.52 -40.22
N ASP F 5 -19.48 17.58 38.26
CA ASP F 5 -19.82 17.22 39.66
C ASP F 5 -18.69 16.46 40.35
N LEU F 6 -18.45 15.23 39.90
CA LEU F 6 -17.36 14.41 40.42
C LEU F 6 -16.15 14.49 39.50
N PRO F 7 -14.94 14.34 40.06
CA PRO F 7 -13.72 14.39 39.24
C PRO F 7 -13.67 13.29 38.19
N LYS F 8 -13.21 13.65 37.00
CA LYS F 8 -12.95 12.67 35.94
C LYS F 8 -11.63 11.99 36.23
N ALA F 9 -11.62 10.65 36.17
CA ALA F 9 -10.41 9.88 36.38
C ALA F 9 -9.39 10.18 35.28
N VAL F 10 -8.10 10.02 35.61
CA VAL F 10 -7.03 10.18 34.63
C VAL F 10 -6.08 8.99 34.71
N VAL F 11 -5.75 8.42 33.54
CA VAL F 11 -4.81 7.31 33.45
C VAL F 11 -3.39 7.84 33.30
N PHE F 12 -2.51 7.47 34.22
CA PHE F 12 -1.08 7.78 34.12
C PHE F 12 -0.26 6.51 33.93
N LEU F 13 0.75 6.60 33.06
CA LEU F 13 1.66 5.48 32.81
C LEU F 13 2.99 5.68 33.55
N GLU F 14 3.49 4.62 34.16
CA GLU F 14 4.80 4.65 34.81
C GLU F 14 5.65 3.43 34.43
N PRO F 15 6.73 3.65 33.67
CA PRO F 15 7.15 4.96 33.14
C PRO F 15 6.20 5.52 32.07
N GLN F 16 6.39 6.78 31.69
CA GLN F 16 5.46 7.54 30.85
C GLN F 16 5.24 7.04 29.42
N TRP F 17 6.25 6.37 28.85
CA TRP F 17 6.26 5.96 27.44
C TRP F 17 5.01 5.18 27.03
N TYR F 18 4.23 5.75 26.11
CA TYR F 18 3.03 5.05 25.61
C TYR F 18 3.41 4.01 24.55
N ARG F 19 4.64 4.11 24.05
CA ARG F 19 5.21 3.12 23.16
C ARG F 19 6.26 2.31 23.90
N VAL F 20 6.03 1.01 24.02
CA VAL F 20 6.95 0.12 24.74
C VAL F 20 7.32 -1.11 23.90
N LEU F 21 8.44 -1.73 24.24
CA LEU F 21 8.83 -2.99 23.60
C LEU F 21 8.37 -4.15 24.45
N GLU F 22 8.26 -5.32 23.83
CA GLU F 22 7.86 -6.54 24.53
C GLU F 22 8.80 -6.86 25.69
N LYS F 23 8.20 -7.31 26.80
CA LYS F 23 8.88 -7.65 28.06
C LYS F 23 9.19 -6.44 28.97
N ASP F 24 8.90 -5.24 28.48
CA ASP F 24 8.93 -4.05 29.33
C ASP F 24 7.82 -4.11 30.38
N SER F 25 8.12 -3.64 31.58
CA SER F 25 7.10 -3.55 32.62
C SER F 25 6.45 -2.17 32.62
N VAL F 26 5.12 -2.16 32.63
CA VAL F 26 4.34 -0.92 32.67
C VAL F 26 3.37 -0.94 33.85
N THR F 27 3.30 0.17 34.58
CA THR F 27 2.29 0.35 35.60
C THR F 27 1.32 1.43 35.15
N LEU F 28 0.04 1.09 35.14
CA LEU F 28 -1.01 2.08 34.85
C LEU F 28 -1.61 2.54 36.15
N LYS F 29 -1.40 3.83 36.46
CA LYS F 29 -1.90 4.44 37.68
C LYS F 29 -3.21 5.16 37.40
N CYS F 30 -4.15 5.05 38.35
CA CYS F 30 -5.46 5.70 38.20
C CYS F 30 -5.69 6.79 39.24
N GLN F 31 -5.75 8.03 38.75
CA GLN F 31 -6.08 9.17 39.59
C GLN F 31 -7.59 9.42 39.55
N GLY F 32 -8.25 9.16 40.67
CA GLY F 32 -9.65 9.48 40.83
C GLY F 32 -9.77 10.79 41.59
N ALA F 33 -10.17 10.68 42.86
CA ALA F 33 -10.02 11.78 43.80
C ALA F 33 -8.58 11.76 44.31
N TYR F 34 -8.12 12.86 44.90
CA TYR F 34 -6.75 12.92 45.40
C TYR F 34 -6.52 12.17 46.71
N SER F 35 -7.47 12.30 47.64
CA SER F 35 -7.40 11.58 48.91
C SER F 35 -7.90 10.14 48.76
N PRO F 36 -7.03 9.15 49.04
CA PRO F 36 -7.37 7.72 48.89
C PRO F 36 -8.12 7.15 50.10
N GLN F 39 -8.34 4.33 46.04
CA GLN F 39 -9.71 3.86 46.22
C GLN F 39 -9.98 2.54 45.49
N SER F 40 -11.25 2.12 45.49
CA SER F 40 -11.70 0.95 44.75
C SER F 40 -11.77 1.27 43.26
N THR F 41 -10.86 0.67 42.49
CA THR F 41 -10.67 1.06 41.10
C THR F 41 -11.05 -0.06 40.13
N GLN F 42 -11.66 0.34 39.01
CA GLN F 42 -12.00 -0.59 37.94
C GLN F 42 -11.24 -0.23 36.67
N TRP F 43 -10.60 -1.23 36.06
CA TRP F 43 -9.79 -1.04 34.86
C TRP F 43 -10.45 -1.62 33.62
N PHE F 44 -10.28 -0.94 32.49
CA PHE F 44 -10.84 -1.39 31.20
C PHE F 44 -9.74 -1.41 30.14
N HIS F 45 -9.73 -2.48 29.35
CA HIS F 45 -8.79 -2.64 28.24
C HIS F 45 -9.55 -3.15 27.02
N ASN F 46 -9.41 -2.43 25.91
CA ASN F 46 -10.13 -2.73 24.66
C ASN F 46 -11.63 -2.86 24.86
N GLU F 47 -12.21 -1.92 25.62
CA GLU F 47 -13.66 -1.82 25.83
C GLU F 47 -14.24 -2.80 26.87
N SER F 48 -13.39 -3.60 27.51
CA SER F 48 -13.87 -4.55 28.53
C SER F 48 -12.97 -4.56 29.78
N LEU F 49 -13.56 -4.89 30.93
CA LEU F 49 -12.88 -4.75 32.22
C LEU F 49 -11.88 -5.86 32.55
N ILE F 50 -10.84 -5.51 33.32
CA ILE F 50 -9.80 -6.45 33.73
C ILE F 50 -9.69 -6.53 35.25
N SER F 51 -9.57 -5.37 35.90
CA SER F 51 -9.51 -5.29 37.36
C SER F 51 -10.81 -4.72 37.91
N SER F 52 -11.16 -5.17 39.12
CA SER F 52 -12.37 -4.73 39.81
C SER F 52 -12.05 -3.94 41.08
N GLN F 53 -10.87 -4.16 41.65
CA GLN F 53 -10.51 -3.56 42.94
C GLN F 53 -9.22 -2.72 42.91
N ALA F 54 -8.14 -3.30 42.40
CA ALA F 54 -6.80 -2.74 42.51
C ALA F 54 -6.64 -1.35 41.91
N SER F 55 -5.89 -0.49 42.61
CA SER F 55 -5.68 0.90 42.21
C SER F 55 -4.78 1.03 40.98
N SER F 56 -3.76 0.18 40.89
CA SER F 56 -2.85 0.16 39.76
C SER F 56 -2.94 -1.17 39.01
N TYR F 57 -2.86 -1.11 37.70
CA TYR F 57 -2.77 -2.32 36.88
C TYR F 57 -1.32 -2.54 36.49
N PHE F 58 -0.76 -3.67 36.93
CA PHE F 58 0.63 -4.02 36.66
C PHE F 58 0.76 -4.95 35.46
N ILE F 59 1.50 -4.51 34.45
CA ILE F 59 1.92 -5.39 33.36
C ILE F 59 3.39 -5.71 33.55
N ASP F 60 3.70 -6.96 33.90
CA ASP F 60 5.09 -7.40 34.13
C ASP F 60 5.86 -7.57 32.83
N ALA F 61 5.39 -8.49 31.99
CA ALA F 61 6.01 -8.74 30.71
C ALA F 61 5.04 -8.36 29.59
N ALA F 62 5.23 -7.17 29.04
CA ALA F 62 4.37 -6.67 27.99
C ALA F 62 4.37 -7.61 26.78
N THR F 63 3.17 -7.92 26.31
CA THR F 63 3.00 -8.67 25.06
C THR F 63 2.30 -7.77 24.05
N VAL F 64 2.26 -8.21 22.80
CA VAL F 64 1.60 -7.46 21.73
C VAL F 64 0.13 -7.23 22.08
N ASP F 65 -0.49 -8.23 22.69
CA ASP F 65 -1.91 -8.21 23.04
C ASP F 65 -2.26 -7.22 24.17
N ASP F 66 -1.23 -6.64 24.80
CA ASP F 66 -1.44 -5.63 25.83
C ASP F 66 -1.71 -4.25 25.22
N SER F 67 -1.53 -4.14 23.91
CA SER F 67 -1.80 -2.90 23.18
C SER F 67 -3.29 -2.56 23.17
N GLY F 68 -3.60 -1.32 22.82
CA GLY F 68 -4.98 -0.86 22.72
C GLY F 68 -5.28 0.30 23.63
N GLU F 69 -6.57 0.44 23.98
CA GLU F 69 -7.03 1.54 24.82
C GLU F 69 -7.26 1.10 26.26
N TYR F 70 -6.89 1.97 27.20
CA TYR F 70 -7.07 1.71 28.62
C TYR F 70 -7.84 2.84 29.30
N ARG F 71 -8.82 2.48 30.11
CA ARG F 71 -9.60 3.45 30.91
C ARG F 71 -9.75 2.98 32.34
N CYS F 72 -9.92 3.93 33.27
CA CYS F 72 -10.10 3.60 34.68
C CYS F 72 -11.21 4.40 35.38
N GLN F 73 -11.65 3.89 36.53
CA GLN F 73 -12.76 4.43 37.32
C GLN F 73 -12.48 4.19 38.80
N THR F 74 -12.72 5.21 39.63
CA THR F 74 -12.83 4.97 41.08
C THR F 74 -14.23 5.34 41.58
N GLN F 75 -14.56 4.89 42.80
CA GLN F 75 -15.86 5.18 43.41
C GLN F 75 -16.15 6.68 43.53
N LEU F 76 -15.10 7.45 43.83
CA LEU F 76 -15.23 8.91 43.96
C LEU F 76 -14.87 9.64 42.66
N SER F 77 -14.89 8.94 41.54
CA SER F 77 -14.54 9.54 40.25
C SER F 77 -15.34 9.03 39.05
N THR F 78 -15.08 9.62 37.89
CA THR F 78 -15.82 9.36 36.65
C THR F 78 -14.91 8.70 35.61
N LEU F 79 -15.50 7.85 34.77
CA LEU F 79 -14.77 7.14 33.71
C LEU F 79 -13.85 8.07 32.93
N SER F 80 -12.57 7.68 32.85
CA SER F 80 -11.52 8.49 32.27
C SER F 80 -11.59 8.58 30.75
N ASP F 81 -10.80 9.49 30.17
CA ASP F 81 -10.52 9.46 28.74
C ASP F 81 -9.65 8.25 28.44
N PRO F 82 -9.81 7.65 27.23
CA PRO F 82 -8.95 6.53 26.85
C PRO F 82 -7.48 6.94 26.71
N VAL F 83 -6.58 6.00 26.97
CA VAL F 83 -5.15 6.23 26.80
C VAL F 83 -4.57 5.08 25.98
N GLN F 84 -3.85 5.43 24.90
CA GLN F 84 -3.32 4.43 23.98
C GLN F 84 -2.01 3.86 24.50
N LEU F 85 -1.86 2.54 24.38
CA LEU F 85 -0.59 1.88 24.64
C LEU F 85 -0.19 1.05 23.42
N GLU F 86 0.98 1.35 22.87
CA GLU F 86 1.51 0.61 21.73
C GLU F 86 2.67 -0.28 22.16
N VAL F 87 2.50 -1.59 21.97
CA VAL F 87 3.58 -2.53 22.24
C VAL F 87 4.19 -2.99 20.92
N HIS F 88 5.45 -2.65 20.72
CA HIS F 88 6.18 -2.99 19.50
C HIS F 88 7.04 -4.23 19.72
N ILE F 89 7.29 -4.97 18.63
CA ILE F 89 8.23 -6.08 18.63
C ILE F 89 9.49 -5.63 17.90
N GLY F 90 10.64 -5.80 18.53
CA GLY F 90 11.91 -5.39 17.94
C GLY F 90 13.03 -5.20 18.94
N TRP F 91 14.21 -4.82 18.44
CA TRP F 91 15.39 -4.63 19.26
C TRP F 91 15.45 -3.25 19.90
N LEU F 92 15.10 -2.23 19.13
CA LEU F 92 15.22 -0.85 19.57
C LEU F 92 13.93 -0.04 19.42
N LEU F 93 13.81 1.00 20.24
CA LEU F 93 12.65 1.89 20.21
C LEU F 93 13.04 3.28 20.71
N LEU F 94 12.78 4.29 19.89
CA LEU F 94 13.08 5.67 20.23
C LEU F 94 11.92 6.25 21.04
N GLN F 95 12.17 6.56 22.31
CA GLN F 95 11.13 7.09 23.21
C GLN F 95 11.37 8.54 23.58
N ALA F 96 10.28 9.23 23.93
CA ALA F 96 10.33 10.66 24.30
C ALA F 96 9.13 11.03 25.18
N PRO F 97 9.24 12.15 25.94
CA PRO F 97 8.11 12.69 26.71
C PRO F 97 6.96 13.10 25.79
N ARG F 98 7.28 13.86 24.74
CA ARG F 98 6.33 14.22 23.69
C ARG F 98 7.03 14.20 22.33
N TRP F 99 6.26 14.30 21.27
CA TRP F 99 6.79 14.29 19.91
C TRP F 99 6.53 15.60 19.18
N VAL F 100 5.80 16.49 19.84
CA VAL F 100 5.53 17.83 19.32
C VAL F 100 6.14 18.86 20.27
N PHE F 101 7.03 19.68 19.72
CA PHE F 101 7.72 20.71 20.51
C PHE F 101 7.52 22.09 19.88
N LYS F 102 7.43 23.12 20.72
CA LYS F 102 7.48 24.50 20.27
C LYS F 102 8.93 24.97 20.26
N GLU F 103 9.19 26.14 19.69
CA GLU F 103 10.55 26.67 19.61
C GLU F 103 11.13 27.00 20.99
N GLU F 104 12.44 26.82 21.13
CA GLU F 104 13.19 27.07 22.37
C GLU F 104 13.00 25.99 23.46
N ASP F 105 12.14 25.01 23.20
CA ASP F 105 11.91 23.90 24.13
C ASP F 105 13.06 22.88 24.12
N PRO F 106 13.23 22.13 25.23
CA PRO F 106 14.20 21.03 25.20
C PRO F 106 13.66 19.77 24.52
N ILE F 107 14.52 19.14 23.72
CA ILE F 107 14.21 17.85 23.11
C ILE F 107 15.08 16.79 23.81
N HIS F 108 14.42 15.86 24.49
CA HIS F 108 15.11 14.82 25.25
C HIS F 108 14.60 13.46 24.81
N LEU F 109 15.49 12.70 24.16
CA LEU F 109 15.15 11.39 23.62
C LEU F 109 16.01 10.31 24.25
N ARG F 110 15.54 9.07 24.16
CA ARG F 110 16.31 7.90 24.58
C ARG F 110 16.19 6.79 23.53
N CYS F 111 17.27 6.05 23.34
CA CYS F 111 17.27 4.88 22.48
C CYS F 111 17.13 3.66 23.36
N HIS F 112 15.90 3.16 23.48
CA HIS F 112 15.60 2.06 24.39
C HIS F 112 15.76 0.70 23.71
N SER F 113 16.41 -0.22 24.42
CA SER F 113 16.69 -1.55 23.89
C SER F 113 15.80 -2.62 24.54
N TRP F 114 15.49 -3.64 23.75
CA TRP F 114 14.71 -4.79 24.20
C TRP F 114 15.40 -5.45 25.40
N LYS F 115 14.62 -5.71 26.45
CA LYS F 115 15.12 -6.30 27.70
C LYS F 115 16.22 -5.48 28.39
N ASN F 116 16.35 -4.22 28.00
CA ASN F 116 17.47 -3.36 28.42
C ASN F 116 18.83 -4.00 28.18
N THR F 117 18.96 -4.69 27.04
CA THR F 117 20.22 -5.31 26.66
C THR F 117 21.23 -4.22 26.36
N ALA F 118 22.48 -4.43 26.76
CA ALA F 118 23.55 -3.47 26.54
C ALA F 118 23.62 -3.04 25.08
N LEU F 119 23.64 -1.73 24.87
CA LEU F 119 23.72 -1.16 23.53
C LEU F 119 24.93 -0.23 23.43
N HIS F 120 25.74 -0.45 22.40
CA HIS F 120 26.99 0.28 22.21
C HIS F 120 27.08 0.84 20.80
N LYS F 121 27.88 1.91 20.65
CA LYS F 121 28.08 2.61 19.38
C LYS F 121 26.74 3.07 18.79
N VAL F 122 26.07 3.95 19.52
CA VAL F 122 24.71 4.38 19.21
C VAL F 122 24.70 5.66 18.38
N THR F 123 23.86 5.69 17.35
CA THR F 123 23.71 6.86 16.49
C THR F 123 22.26 7.31 16.43
N TYR F 124 22.03 8.56 16.83
CA TYR F 124 20.74 9.21 16.63
C TYR F 124 20.75 9.94 15.28
N LEU F 125 19.76 9.67 14.45
CA LEU F 125 19.71 10.24 13.10
C LEU F 125 18.52 11.18 12.87
N GLN F 126 18.68 12.08 11.90
CA GLN F 126 17.61 12.95 11.44
C GLN F 126 17.62 13.00 9.91
N ASN F 127 16.51 12.56 9.31
CA ASN F 127 16.34 12.51 7.86
C ASN F 127 17.45 11.75 7.12
N GLY F 128 17.80 10.59 7.67
CA GLY F 128 18.82 9.72 7.08
C GLY F 128 20.26 10.12 7.37
N LYS F 129 20.45 11.17 8.17
CA LYS F 129 21.77 11.68 8.49
C LYS F 129 22.00 11.73 9.99
N GLY F 130 23.13 11.19 10.44
CA GLY F 130 23.47 11.15 11.86
C GLY F 130 23.64 12.53 12.49
N ARG F 131 23.13 12.67 13.71
CA ARG F 131 23.23 13.93 14.46
C ARG F 131 24.25 13.82 15.60
N LYS F 132 24.13 12.78 16.40
CA LYS F 132 25.02 12.56 17.54
C LYS F 132 25.41 11.09 17.66
N TYR F 133 26.62 10.83 18.15
CA TYR F 133 27.14 9.48 18.31
C TYR F 133 27.73 9.26 19.70
N PHE F 134 27.46 8.08 20.26
CA PHE F 134 27.98 7.69 21.58
C PHE F 134 28.56 6.28 21.53
N HIS F 135 29.68 6.09 22.23
CA HIS F 135 30.28 4.75 22.39
C HIS F 135 29.41 3.88 23.28
N HIS F 136 28.79 4.48 24.30
CA HIS F 136 27.88 3.80 25.19
C HIS F 136 26.51 4.47 25.14
N ASN F 137 25.45 3.65 25.14
CA ASN F 137 24.08 4.17 25.04
C ASN F 137 23.86 5.35 25.97
N SER F 138 23.44 6.47 25.39
CA SER F 138 23.25 7.71 26.13
C SER F 138 22.07 8.50 25.55
N ASP F 139 21.41 9.28 26.40
CA ASP F 139 20.28 10.09 25.98
C ASP F 139 20.69 11.15 24.98
N PHE F 140 19.79 11.44 24.04
CA PHE F 140 19.96 12.51 23.08
C PHE F 140 19.27 13.77 23.61
N TYR F 141 20.03 14.84 23.79
CA TYR F 141 19.48 16.08 24.35
C TYR F 141 19.84 17.33 23.55
N ILE F 142 18.82 18.12 23.24
CA ILE F 142 18.98 19.45 22.63
C ILE F 142 18.40 20.49 23.60
N PRO F 143 19.20 21.49 23.98
CA PRO F 143 18.75 22.49 24.96
C PRO F 143 17.58 23.34 24.46
N LYS F 144 17.73 23.94 23.27
CA LYS F 144 16.71 24.81 22.70
C LYS F 144 16.40 24.44 21.25
N ALA F 145 15.18 23.95 21.02
CA ALA F 145 14.76 23.46 19.71
C ALA F 145 14.56 24.59 18.71
N THR F 146 14.90 24.29 17.45
CA THR F 146 14.61 25.19 16.33
C THR F 146 13.78 24.46 15.29
N LEU F 147 13.34 25.18 14.26
CA LEU F 147 12.59 24.58 13.14
C LEU F 147 13.46 23.60 12.34
N LYS F 148 14.77 23.69 12.51
CA LYS F 148 15.73 22.79 11.85
C LYS F 148 15.72 21.40 12.46
N ASP F 149 15.28 21.31 13.72
CA ASP F 149 15.22 20.04 14.45
C ASP F 149 14.03 19.16 14.02
N SER F 150 13.16 19.72 13.19
CA SER F 150 12.00 19.00 12.67
C SER F 150 12.40 17.99 11.61
N GLY F 151 11.81 16.80 11.65
CA GLY F 151 12.12 15.74 10.68
C GLY F 151 11.81 14.34 11.17
N SER F 152 12.33 13.34 10.44
CA SER F 152 12.17 11.93 10.81
C SER F 152 13.39 11.42 11.58
N TYR F 153 13.14 10.79 12.72
CA TYR F 153 14.19 10.38 13.65
C TYR F 153 14.17 8.87 13.91
N PHE F 154 15.35 8.28 13.97
CA PHE F 154 15.52 6.90 14.42
C PHE F 154 16.91 6.70 15.02
N CYS F 155 17.07 5.64 15.82
CA CYS F 155 18.38 5.29 16.35
C CYS F 155 18.80 3.87 15.96
N ARG F 156 20.10 3.70 15.75
CA ARG F 156 20.71 2.39 15.54
C ARG F 156 21.92 2.21 16.46
N GLY F 157 22.33 0.96 16.65
CA GLY F 157 23.47 0.64 17.50
C GLY F 157 23.89 -0.80 17.37
N LEU F 158 24.75 -1.24 18.28
CA LEU F 158 25.25 -2.61 18.28
C LEU F 158 24.87 -3.35 19.55
N VAL F 159 24.14 -4.45 19.37
CA VAL F 159 23.84 -5.35 20.47
C VAL F 159 24.68 -6.61 20.28
N GLY F 160 25.68 -6.78 21.13
CA GLY F 160 26.70 -7.79 20.92
C GLY F 160 27.48 -7.43 19.67
N SER F 161 27.49 -8.33 18.70
CA SER F 161 28.08 -8.06 17.39
C SER F 161 27.01 -7.78 16.34
N LYS F 162 25.75 -7.85 16.76
CA LYS F 162 24.61 -7.66 15.86
C LYS F 162 24.22 -6.19 15.71
N ASN F 163 24.14 -5.74 14.46
CA ASN F 163 23.74 -4.38 14.13
C ASN F 163 22.23 -4.29 13.93
N VAL F 164 21.60 -3.41 14.71
CA VAL F 164 20.13 -3.29 14.76
C VAL F 164 19.67 -1.83 14.86
N SER F 165 18.46 -1.55 14.39
CA SER F 165 17.90 -0.19 14.44
C SER F 165 16.40 -0.14 14.75
N SER F 166 15.93 1.05 15.12
CA SER F 166 14.53 1.28 15.49
C SER F 166 13.70 1.79 14.30
N GLU F 167 12.38 1.72 14.43
CA GLU F 167 11.47 2.35 13.47
C GLU F 167 11.54 3.86 13.61
N THR F 168 11.30 4.57 12.52
CA THR F 168 11.36 6.03 12.50
C THR F 168 10.16 6.66 13.20
N VAL F 169 10.40 7.79 13.87
CA VAL F 169 9.34 8.55 14.51
C VAL F 169 9.51 10.04 14.18
N GLN F 170 8.46 10.62 13.61
CA GLN F 170 8.48 12.02 13.19
C GLN F 170 8.50 12.98 14.37
N ILE F 171 9.34 14.02 14.28
CA ILE F 171 9.38 15.09 15.27
C ILE F 171 9.05 16.42 14.58
N THR F 172 8.03 17.11 15.08
CA THR F 172 7.57 18.36 14.49
C THR F 172 7.77 19.55 15.43
N ILE F 173 8.28 20.64 14.86
CA ILE F 173 8.55 21.86 15.62
C ILE F 173 7.63 22.99 15.16
N THR F 174 6.86 23.55 16.10
CA THR F 174 5.95 24.65 15.81
C THR F 174 6.52 25.98 16.32
N GLN F 175 6.07 27.08 15.71
CA GLN F 175 6.51 28.42 16.10
C GLN F 175 5.98 28.79 17.49
N GLY F 176 6.87 29.29 18.35
CA GLY F 176 6.52 29.66 19.71
C GLY F 176 6.92 31.09 20.04
#